data_1DEC
#
_entry.id   1DEC
#
_cell.length_a   1.000
_cell.length_b   1.000
_cell.length_c   1.000
_cell.angle_alpha   90.00
_cell.angle_beta   90.00
_cell.angle_gamma   90.00
#
_symmetry.space_group_name_H-M   'P 1'
#
_entity_poly.entity_id   1
_entity_poly.type   'polypeptide(L)'
_entity_poly.pdbx_seq_one_letter_code
;APRLPQCQGDDQEKCLCNKDECPPGQCRFPRGDADPYCE
;
_entity_poly.pdbx_strand_id   A
#
# COMPACT_ATOMS: atom_id res chain seq x y z
N ALA A 1 3.89 -15.39 4.73
CA ALA A 1 3.73 -13.95 4.44
C ALA A 1 4.98 -13.42 3.65
N PRO A 2 4.90 -13.04 2.34
CA PRO A 2 6.05 -12.49 1.56
C PRO A 2 6.76 -11.23 2.16
N ARG A 3 8.05 -11.07 1.83
CA ARG A 3 8.87 -9.92 2.30
C ARG A 3 8.71 -8.74 1.30
N LEU A 4 7.80 -7.81 1.64
CA LEU A 4 7.33 -6.75 0.72
C LEU A 4 7.89 -5.35 1.14
N PRO A 5 8.40 -4.48 0.21
CA PRO A 5 8.61 -3.02 0.48
C PRO A 5 7.37 -2.23 1.01
N GLN A 6 7.56 -0.97 1.43
CA GLN A 6 6.44 -0.08 1.84
C GLN A 6 5.91 0.71 0.60
N CYS A 7 4.58 0.81 0.51
CA CYS A 7 3.88 1.48 -0.62
C CYS A 7 4.12 3.02 -0.68
N GLN A 8 4.06 3.55 -1.91
CA GLN A 8 4.24 5.01 -2.20
C GLN A 8 2.90 5.66 -2.66
N GLY A 9 2.26 5.17 -3.74
CA GLY A 9 0.99 5.75 -4.26
C GLY A 9 0.75 5.27 -5.70
N ASP A 10 -0.03 4.18 -5.87
CA ASP A 10 -0.21 3.47 -7.18
C ASP A 10 1.16 2.87 -7.66
N ASP A 11 1.49 1.67 -7.14
CA ASP A 11 2.87 1.13 -7.17
C ASP A 11 3.17 0.27 -8.43
N GLN A 12 4.48 0.09 -8.70
CA GLN A 12 4.98 -0.85 -9.74
C GLN A 12 4.95 -2.35 -9.28
N GLU A 13 5.42 -2.68 -8.05
CA GLU A 13 5.40 -4.06 -7.50
C GLU A 13 4.59 -4.13 -6.17
N LYS A 14 4.38 -5.36 -5.66
CA LYS A 14 3.56 -5.64 -4.44
C LYS A 14 4.25 -5.09 -3.16
N CYS A 15 3.44 -4.41 -2.30
CA CYS A 15 3.96 -3.58 -1.19
C CYS A 15 2.95 -3.52 0.00
N LEU A 16 3.44 -3.03 1.15
CA LEU A 16 2.64 -2.87 2.39
C LEU A 16 1.85 -1.52 2.34
N CYS A 17 0.51 -1.62 2.34
CA CYS A 17 -0.39 -0.45 2.39
C CYS A 17 -0.77 -0.19 3.87
N ASN A 18 -0.01 0.71 4.53
CA ASN A 18 -0.01 0.90 6.01
C ASN A 18 0.67 -0.34 6.70
N LYS A 19 -0.12 -1.39 6.93
CA LYS A 19 0.37 -2.74 7.31
C LYS A 19 -0.57 -3.83 6.70
N ASP A 20 -0.70 -3.84 5.35
CA ASP A 20 -1.62 -4.76 4.63
C ASP A 20 -0.91 -5.16 3.31
N GLU A 21 -0.68 -6.47 3.09
CA GLU A 21 0.03 -6.98 1.90
C GLU A 21 -0.87 -6.88 0.64
N CYS A 22 -0.54 -5.92 -0.25
CA CYS A 22 -1.50 -5.35 -1.22
C CYS A 22 -0.93 -5.37 -2.67
N PRO A 23 -1.69 -5.75 -3.75
CA PRO A 23 -1.17 -5.81 -5.14
C PRO A 23 -0.85 -4.41 -5.77
N PRO A 24 0.06 -4.27 -6.78
CA PRO A 24 0.48 -2.95 -7.32
C PRO A 24 -0.63 -2.15 -8.04
N GLY A 25 -0.75 -0.86 -7.69
CA GLY A 25 -1.88 -0.01 -8.12
C GLY A 25 -2.95 0.24 -7.03
N GLN A 26 -3.50 -0.84 -6.45
CA GLN A 26 -4.60 -0.77 -5.44
C GLN A 26 -4.30 -0.15 -4.05
N CYS A 27 -3.04 0.22 -3.69
CA CYS A 27 -2.76 0.93 -2.41
C CYS A 27 -3.11 2.43 -2.53
N ARG A 28 -4.16 2.83 -1.78
CA ARG A 28 -4.78 4.18 -1.87
C ARG A 28 -4.48 4.98 -0.57
N PHE A 29 -4.21 6.29 -0.74
CA PHE A 29 -3.64 7.13 0.36
C PHE A 29 -4.66 8.28 0.68
N PRO A 30 -5.61 8.17 1.65
CA PRO A 30 -6.55 9.26 2.01
C PRO A 30 -5.91 10.35 2.93
N ARG A 31 -6.46 11.57 2.84
CA ARG A 31 -5.85 12.79 3.44
C ARG A 31 -6.12 12.93 4.98
N GLY A 32 -5.35 13.85 5.61
CA GLY A 32 -5.61 14.28 7.01
C GLY A 32 -5.16 13.27 8.07
N ASP A 33 -6.14 12.76 8.83
CA ASP A 33 -5.93 11.65 9.79
C ASP A 33 -6.72 10.38 9.30
N ALA A 34 -6.30 9.84 8.14
CA ALA A 34 -6.85 8.58 7.57
C ALA A 34 -5.67 7.76 7.00
N ASP A 35 -5.62 6.48 7.40
CA ASP A 35 -4.48 5.57 7.11
C ASP A 35 -4.55 4.94 5.67
N PRO A 36 -3.41 4.63 4.98
CA PRO A 36 -3.42 3.96 3.64
C PRO A 36 -4.11 2.57 3.60
N TYR A 37 -5.17 2.45 2.79
CA TYR A 37 -6.01 1.21 2.71
C TYR A 37 -5.70 0.43 1.40
N CYS A 38 -5.71 -0.91 1.50
CA CYS A 38 -5.68 -1.79 0.31
C CYS A 38 -7.10 -1.95 -0.28
N GLU A 39 -7.26 -1.55 -1.56
CA GLU A 39 -8.57 -1.54 -2.26
C GLU A 39 -8.90 -2.94 -2.82
N ALA A 1 7.87 -16.85 2.89
CA ALA A 1 7.37 -15.57 3.41
C ALA A 1 7.68 -14.44 2.39
N PRO A 2 6.69 -13.76 1.72
CA PRO A 2 6.96 -12.65 0.76
C PRO A 2 7.69 -11.43 1.36
N ARG A 3 8.81 -11.03 0.75
CA ARG A 3 9.68 -9.94 1.27
C ARG A 3 9.33 -8.63 0.51
N LEU A 4 8.42 -7.84 1.10
CA LEU A 4 7.68 -6.77 0.38
C LEU A 4 8.18 -5.36 0.81
N PRO A 5 8.48 -4.39 -0.12
CA PRO A 5 8.65 -2.94 0.23
C PRO A 5 7.44 -2.27 0.95
N GLN A 6 7.59 -0.99 1.33
CA GLN A 6 6.48 -0.14 1.81
C GLN A 6 5.90 0.66 0.61
N CYS A 7 4.56 0.72 0.56
CA CYS A 7 3.81 1.41 -0.52
C CYS A 7 3.98 2.96 -0.47
N GLN A 8 3.91 3.59 -1.65
CA GLN A 8 4.02 5.07 -1.82
C GLN A 8 2.69 5.69 -2.36
N GLY A 9 2.12 5.16 -3.46
CA GLY A 9 0.88 5.70 -4.07
C GLY A 9 0.75 5.17 -5.51
N ASP A 10 -0.10 4.15 -5.72
CA ASP A 10 -0.24 3.39 -7.00
C ASP A 10 1.12 2.83 -7.52
N ASP A 11 1.51 1.66 -6.99
CA ASP A 11 2.91 1.16 -7.04
C ASP A 11 3.19 0.29 -8.30
N GLN A 12 4.50 0.09 -8.56
CA GLN A 12 4.99 -0.85 -9.61
C GLN A 12 4.92 -2.35 -9.19
N GLU A 13 5.40 -2.72 -7.98
CA GLU A 13 5.34 -4.12 -7.46
C GLU A 13 4.55 -4.19 -6.11
N LYS A 14 4.31 -5.43 -5.63
CA LYS A 14 3.51 -5.71 -4.39
C LYS A 14 4.22 -5.17 -3.11
N CYS A 15 3.46 -4.45 -2.28
CA CYS A 15 4.01 -3.67 -1.14
C CYS A 15 3.00 -3.60 0.04
N LEU A 16 3.50 -3.12 1.20
CA LEU A 16 2.71 -2.95 2.44
C LEU A 16 1.85 -1.66 2.39
N CYS A 17 0.52 -1.83 2.39
CA CYS A 17 -0.44 -0.69 2.42
C CYS A 17 -0.85 -0.44 3.89
N ASN A 18 -0.27 0.61 4.50
CA ASN A 18 -0.27 0.86 5.97
C ASN A 18 0.72 -0.14 6.65
N LYS A 19 0.20 -1.34 7.00
CA LYS A 19 1.02 -2.52 7.42
C LYS A 19 0.38 -3.87 6.94
N ASP A 20 -0.12 -3.94 5.68
CA ASP A 20 -0.94 -5.08 5.20
C ASP A 20 -0.62 -5.30 3.70
N GLU A 21 -0.21 -6.52 3.32
CA GLU A 21 0.20 -6.86 1.93
C GLU A 21 -0.92 -6.64 0.87
N CYS A 22 -0.57 -5.94 -0.23
CA CYS A 22 -1.55 -5.39 -1.19
C CYS A 22 -0.99 -5.41 -2.65
N PRO A 23 -1.73 -5.83 -3.71
CA PRO A 23 -1.20 -5.84 -5.10
C PRO A 23 -0.92 -4.43 -5.72
N PRO A 24 0.00 -4.27 -6.73
CA PRO A 24 0.43 -2.94 -7.23
C PRO A 24 -0.68 -2.12 -7.96
N GLY A 25 -0.76 -0.82 -7.65
CA GLY A 25 -1.86 0.05 -8.09
C GLY A 25 -2.95 0.32 -7.01
N GLN A 26 -3.50 -0.76 -6.42
CA GLN A 26 -4.63 -0.69 -5.46
C GLN A 26 -4.38 0.00 -4.08
N CYS A 27 -3.12 0.27 -3.65
CA CYS A 27 -2.86 0.97 -2.37
C CYS A 27 -3.14 2.50 -2.49
N ARG A 28 -4.24 2.92 -1.84
CA ARG A 28 -4.77 4.31 -1.92
C ARG A 28 -4.47 5.06 -0.59
N PHE A 29 -4.11 6.34 -0.70
CA PHE A 29 -3.60 7.14 0.45
C PHE A 29 -4.56 8.34 0.71
N PRO A 30 -5.60 8.25 1.61
CA PRO A 30 -6.49 9.40 1.92
C PRO A 30 -5.85 10.44 2.89
N ARG A 31 -6.30 11.70 2.76
CA ARG A 31 -5.66 12.88 3.40
C ARG A 31 -5.91 13.01 4.95
N GLY A 32 -5.08 13.84 5.60
CA GLY A 32 -5.29 14.26 7.01
C GLY A 32 -4.91 13.20 8.04
N ASP A 33 -5.90 12.82 8.87
CA ASP A 33 -5.79 11.64 9.77
C ASP A 33 -6.69 10.49 9.21
N ALA A 34 -6.31 9.97 8.02
CA ALA A 34 -6.96 8.79 7.40
C ALA A 34 -5.86 7.85 6.87
N ASP A 35 -5.96 6.58 7.25
CA ASP A 35 -4.90 5.55 7.03
C ASP A 35 -4.94 4.93 5.59
N PRO A 36 -3.80 4.42 5.00
CA PRO A 36 -3.79 3.80 3.65
C PRO A 36 -4.60 2.48 3.55
N TYR A 37 -5.54 2.41 2.58
CA TYR A 37 -6.43 1.24 2.39
C TYR A 37 -6.07 0.48 1.08
N CYS A 38 -6.07 -0.86 1.15
CA CYS A 38 -5.94 -1.74 -0.04
C CYS A 38 -7.33 -1.92 -0.71
N GLU A 39 -7.43 -1.53 -2.00
CA GLU A 39 -8.71 -1.42 -2.72
C GLU A 39 -9.07 -2.79 -3.37
N ALA A 1 8.97 -17.24 1.00
CA ALA A 1 8.46 -16.20 1.90
C ALA A 1 8.58 -14.80 1.22
N PRO A 2 7.50 -14.09 0.82
CA PRO A 2 7.61 -12.80 0.07
C PRO A 2 7.95 -11.60 1.00
N ARG A 3 9.13 -11.01 0.79
CA ARG A 3 9.61 -9.81 1.55
C ARG A 3 9.17 -8.54 0.78
N LEU A 4 8.05 -7.93 1.22
CA LEU A 4 7.36 -6.87 0.46
C LEU A 4 7.87 -5.45 0.90
N PRO A 5 8.24 -4.51 -0.02
CA PRO A 5 8.46 -3.07 0.31
C PRO A 5 7.29 -2.33 1.01
N GLN A 6 7.49 -1.06 1.37
CA GLN A 6 6.40 -0.16 1.83
C GLN A 6 5.87 0.66 0.62
N CYS A 7 4.53 0.74 0.52
CA CYS A 7 3.83 1.44 -0.59
C CYS A 7 4.04 2.99 -0.54
N GLN A 8 4.13 3.60 -1.72
CA GLN A 8 4.33 5.07 -1.88
C GLN A 8 3.06 5.75 -2.47
N GLY A 9 2.57 5.34 -3.65
CA GLY A 9 1.35 5.92 -4.24
C GLY A 9 1.15 5.41 -5.68
N ASP A 10 0.26 4.40 -5.83
CA ASP A 10 0.02 3.66 -7.10
C ASP A 10 1.32 2.95 -7.61
N ASP A 11 1.62 1.78 -7.04
CA ASP A 11 2.98 1.19 -7.06
C ASP A 11 3.25 0.28 -8.30
N GLN A 12 4.55 0.09 -8.58
CA GLN A 12 5.05 -0.89 -9.59
C GLN A 12 5.08 -2.37 -9.08
N GLU A 13 5.50 -2.63 -7.83
CA GLU A 13 5.54 -3.99 -7.21
C GLU A 13 4.45 -4.12 -6.10
N LYS A 14 4.24 -5.37 -5.62
CA LYS A 14 3.37 -5.67 -4.45
C LYS A 14 4.04 -5.18 -3.13
N CYS A 15 3.29 -4.42 -2.31
CA CYS A 15 3.86 -3.66 -1.17
C CYS A 15 2.83 -3.53 0.00
N LEU A 16 3.35 -3.09 1.16
CA LEU A 16 2.57 -2.89 2.41
C LEU A 16 1.79 -1.55 2.37
N CYS A 17 0.45 -1.63 2.43
CA CYS A 17 -0.45 -0.45 2.46
C CYS A 17 -0.80 -0.16 3.94
N ASN A 18 0.00 0.72 4.58
CA ASN A 18 0.06 0.90 6.07
C ASN A 18 0.78 -0.32 6.72
N LYS A 19 0.04 -1.41 6.96
CA LYS A 19 0.63 -2.76 7.23
C LYS A 19 -0.24 -3.91 6.62
N ASP A 20 -0.59 -3.80 5.31
CA ASP A 20 -1.54 -4.73 4.64
C ASP A 20 -0.96 -5.09 3.25
N GLU A 21 -0.66 -6.38 3.00
CA GLU A 21 -0.11 -6.86 1.71
C GLU A 21 -1.10 -6.63 0.52
N CYS A 22 -0.68 -5.79 -0.45
CA CYS A 22 -1.61 -5.13 -1.41
C CYS A 22 -1.05 -5.16 -2.86
N PRO A 23 -1.82 -5.48 -3.94
CA PRO A 23 -1.30 -5.50 -5.33
C PRO A 23 -0.74 -4.14 -5.89
N PRO A 24 0.11 -4.09 -6.96
CA PRO A 24 0.57 -2.82 -7.58
C PRO A 24 -0.58 -2.00 -8.24
N GLY A 25 -0.74 -0.75 -7.79
CA GLY A 25 -1.94 0.07 -8.12
C GLY A 25 -2.99 0.16 -7.00
N GLN A 26 -3.43 -1.00 -6.47
CA GLN A 26 -4.50 -1.12 -5.44
C GLN A 26 -4.29 -0.43 -4.05
N CYS A 27 -3.06 -0.02 -3.65
CA CYS A 27 -2.84 0.73 -2.38
C CYS A 27 -3.28 2.22 -2.50
N ARG A 28 -4.28 2.60 -1.68
CA ARG A 28 -4.95 3.92 -1.75
C ARG A 28 -4.59 4.76 -0.50
N PHE A 29 -4.42 6.09 -0.70
CA PHE A 29 -3.83 7.00 0.32
C PHE A 29 -4.85 8.15 0.63
N PRO A 30 -5.73 8.07 1.67
CA PRO A 30 -6.67 9.16 2.02
C PRO A 30 -6.03 10.28 2.90
N ARG A 31 -6.57 11.50 2.75
CA ARG A 31 -5.96 12.74 3.29
C ARG A 31 -6.20 12.96 4.82
N GLY A 32 -5.50 13.97 5.38
CA GLY A 32 -5.77 14.48 6.75
C GLY A 32 -5.18 13.59 7.85
N ASP A 33 -6.06 12.97 8.64
CA ASP A 33 -5.68 11.88 9.59
C ASP A 33 -6.51 10.61 9.23
N ALA A 34 -6.16 9.98 8.08
CA ALA A 34 -6.75 8.70 7.64
C ALA A 34 -5.61 7.83 7.04
N ASP A 35 -5.52 6.59 7.55
CA ASP A 35 -4.39 5.66 7.25
C ASP A 35 -4.53 4.97 5.85
N PRO A 36 -3.42 4.64 5.11
CA PRO A 36 -3.50 3.92 3.81
C PRO A 36 -4.18 2.52 3.85
N TYR A 37 -5.18 2.32 2.98
CA TYR A 37 -5.98 1.07 2.91
C TYR A 37 -5.75 0.36 1.56
N CYS A 38 -5.74 -0.98 1.59
CA CYS A 38 -5.72 -1.80 0.35
C CYS A 38 -7.16 -1.98 -0.23
N GLU A 39 -7.30 -1.74 -1.54
CA GLU A 39 -8.58 -1.95 -2.27
C GLU A 39 -8.75 -3.45 -2.63
N ALA A 1 7.46 -16.71 3.12
CA ALA A 1 7.06 -15.41 3.73
C ALA A 1 7.34 -14.25 2.73
N PRO A 2 6.34 -13.54 2.13
CA PRO A 2 6.58 -12.42 1.17
C PRO A 2 7.30 -11.19 1.79
N ARG A 3 8.47 -10.84 1.22
CA ARG A 3 9.33 -9.76 1.76
C ARG A 3 9.06 -8.46 0.96
N LEU A 4 8.13 -7.64 1.48
CA LEU A 4 7.48 -6.57 0.70
C LEU A 4 8.00 -5.15 1.12
N PRO A 5 8.38 -4.23 0.19
CA PRO A 5 8.55 -2.78 0.50
C PRO A 5 7.31 -2.07 1.12
N GLN A 6 7.46 -0.80 1.56
CA GLN A 6 6.32 0.07 1.95
C GLN A 6 5.80 0.83 0.70
N CYS A 7 4.47 0.97 0.64
CA CYS A 7 3.76 1.55 -0.54
C CYS A 7 4.02 3.07 -0.75
N GLN A 8 3.88 3.50 -2.02
CA GLN A 8 4.02 4.94 -2.43
C GLN A 8 2.66 5.64 -2.71
N GLY A 9 1.77 5.02 -3.52
CA GLY A 9 0.53 5.66 -4.00
C GLY A 9 0.33 5.28 -5.48
N ASP A 10 -0.38 4.15 -5.73
CA ASP A 10 -0.45 3.47 -7.06
C ASP A 10 0.95 2.92 -7.46
N ASP A 11 1.24 1.67 -7.07
CA ASP A 11 2.63 1.13 -7.01
C ASP A 11 3.05 0.36 -8.29
N GLN A 12 4.38 0.28 -8.47
CA GLN A 12 5.02 -0.65 -9.45
C GLN A 12 5.09 -2.13 -8.95
N GLU A 13 5.46 -2.38 -7.67
CA GLU A 13 5.56 -3.76 -7.09
C GLU A 13 4.53 -3.96 -5.93
N LYS A 14 4.40 -5.22 -5.47
CA LYS A 14 3.55 -5.58 -4.30
C LYS A 14 4.19 -5.05 -2.98
N CYS A 15 3.39 -4.34 -2.17
CA CYS A 15 3.90 -3.52 -1.04
C CYS A 15 2.90 -3.50 0.16
N LEU A 16 3.38 -2.97 1.30
CA LEU A 16 2.59 -2.81 2.55
C LEU A 16 1.74 -1.52 2.47
N CYS A 17 0.42 -1.69 2.40
CA CYS A 17 -0.56 -0.57 2.44
C CYS A 17 -1.03 -0.44 3.90
N ASN A 18 -0.58 0.64 4.59
CA ASN A 18 -0.65 0.81 6.07
C ASN A 18 0.33 -0.19 6.76
N LYS A 19 -0.16 -1.39 7.04
CA LYS A 19 0.64 -2.54 7.52
C LYS A 19 -0.09 -3.87 7.10
N ASP A 20 -0.33 -4.05 5.78
CA ASP A 20 -1.02 -5.24 5.22
C ASP A 20 -0.66 -5.34 3.71
N GLU A 21 -0.39 -6.57 3.26
CA GLU A 21 0.01 -6.86 1.85
C GLU A 21 -1.08 -6.51 0.79
N CYS A 22 -0.64 -5.84 -0.30
CA CYS A 22 -1.55 -5.25 -1.31
C CYS A 22 -0.90 -5.31 -2.71
N PRO A 23 -1.51 -5.91 -3.79
CA PRO A 23 -0.96 -5.91 -5.17
C PRO A 23 -0.65 -4.51 -5.81
N PRO A 24 0.23 -4.37 -6.86
CA PRO A 24 0.59 -3.06 -7.47
C PRO A 24 -0.59 -2.33 -8.17
N GLY A 25 -0.75 -1.04 -7.87
CA GLY A 25 -1.92 -0.24 -8.32
C GLY A 25 -2.96 0.05 -7.22
N GLN A 26 -3.43 -1.00 -6.51
CA GLN A 26 -4.56 -0.90 -5.54
C GLN A 26 -4.32 -0.11 -4.22
N CYS A 27 -3.08 0.21 -3.77
CA CYS A 27 -2.84 0.93 -2.51
C CYS A 27 -3.18 2.44 -2.63
N ARG A 28 -4.26 2.85 -1.94
CA ARG A 28 -4.83 4.22 -2.00
C ARG A 28 -4.44 5.01 -0.71
N PHE A 29 -4.14 6.31 -0.86
CA PHE A 29 -3.62 7.15 0.25
C PHE A 29 -4.65 8.28 0.58
N PRO A 30 -5.57 8.14 1.59
CA PRO A 30 -6.49 9.25 1.98
C PRO A 30 -5.81 10.33 2.89
N ARG A 31 -6.39 11.54 2.87
CA ARG A 31 -5.78 12.77 3.45
C ARG A 31 -5.90 12.86 5.01
N GLY A 32 -5.06 13.73 5.60
CA GLY A 32 -5.18 14.13 7.02
C GLY A 32 -4.68 13.08 8.01
N ASP A 33 -5.58 12.59 8.88
CA ASP A 33 -5.32 11.45 9.78
C ASP A 33 -6.16 10.22 9.32
N ALA A 34 -5.87 9.71 8.11
CA ALA A 34 -6.47 8.48 7.55
C ALA A 34 -5.34 7.65 6.89
N ASP A 35 -5.29 6.37 7.28
CA ASP A 35 -4.17 5.46 6.92
C ASP A 35 -4.37 4.79 5.51
N PRO A 36 -3.30 4.35 4.76
CA PRO A 36 -3.44 3.78 3.39
C PRO A 36 -4.22 2.43 3.31
N TYR A 37 -5.32 2.42 2.55
CA TYR A 37 -6.20 1.22 2.40
C TYR A 37 -5.94 0.51 1.04
N CYS A 38 -5.93 -0.83 1.07
CA CYS A 38 -5.90 -1.65 -0.17
C CYS A 38 -7.32 -1.76 -0.78
N GLU A 39 -7.44 -1.46 -2.09
CA GLU A 39 -8.76 -1.34 -2.77
C GLU A 39 -9.45 -2.71 -2.98
N ALA A 1 8.24 -16.74 2.82
CA ALA A 1 7.66 -15.55 3.51
C ALA A 1 7.81 -14.30 2.60
N PRO A 2 6.73 -13.62 2.09
CA PRO A 2 6.86 -12.39 1.25
C PRO A 2 7.50 -11.18 1.98
N ARG A 3 8.66 -10.73 1.45
CA ARG A 3 9.44 -9.60 2.02
C ARG A 3 9.17 -8.36 1.13
N LEU A 4 8.20 -7.54 1.54
CA LEU A 4 7.54 -6.55 0.66
C LEU A 4 7.99 -5.10 1.00
N PRO A 5 8.41 -4.23 0.03
CA PRO A 5 8.55 -2.75 0.26
C PRO A 5 7.27 -2.04 0.76
N GLN A 6 7.42 -0.82 1.30
CA GLN A 6 6.26 0.04 1.68
C GLN A 6 5.80 0.88 0.46
N CYS A 7 4.49 0.91 0.25
CA CYS A 7 3.84 1.72 -0.81
C CYS A 7 3.93 3.24 -0.55
N GLN A 8 4.01 4.01 -1.65
CA GLN A 8 3.97 5.50 -1.66
C GLN A 8 2.64 6.04 -2.28
N GLY A 9 2.22 5.55 -3.47
CA GLY A 9 0.95 5.95 -4.09
C GLY A 9 0.89 5.45 -5.54
N ASP A 10 0.14 4.35 -5.74
CA ASP A 10 0.00 3.64 -7.05
C ASP A 10 1.37 3.09 -7.56
N ASP A 11 1.74 1.89 -7.09
CA ASP A 11 3.14 1.38 -7.17
C ASP A 11 3.33 0.28 -8.26
N GLN A 12 4.60 0.01 -8.59
CA GLN A 12 5.00 -1.02 -9.60
C GLN A 12 4.89 -2.49 -9.10
N GLU A 13 5.35 -2.83 -7.88
CA GLU A 13 5.29 -4.20 -7.32
C GLU A 13 4.28 -4.34 -6.13
N LYS A 14 4.12 -5.59 -5.65
CA LYS A 14 3.30 -5.91 -4.44
C LYS A 14 4.02 -5.37 -3.16
N CYS A 15 3.26 -4.66 -2.31
CA CYS A 15 3.82 -3.83 -1.22
C CYS A 15 2.97 -3.95 0.08
N LEU A 16 3.50 -3.38 1.17
CA LEU A 16 2.74 -3.11 2.42
C LEU A 16 1.87 -1.84 2.24
N CYS A 17 0.55 -1.98 2.43
CA CYS A 17 -0.40 -0.84 2.46
C CYS A 17 -0.82 -0.65 3.93
N ASN A 18 -0.21 0.36 4.59
CA ASN A 18 -0.23 0.56 6.07
C ASN A 18 0.73 -0.49 6.72
N LYS A 19 0.19 -1.67 7.05
CA LYS A 19 0.98 -2.87 7.44
C LYS A 19 0.33 -4.21 6.92
N ASP A 20 -0.14 -4.25 5.65
CA ASP A 20 -0.95 -5.37 5.10
C ASP A 20 -0.61 -5.55 3.60
N GLU A 21 -0.29 -6.79 3.19
CA GLU A 21 0.09 -7.10 1.77
C GLU A 21 -1.03 -6.79 0.75
N CYS A 22 -0.65 -6.09 -0.35
CA CYS A 22 -1.62 -5.44 -1.27
C CYS A 22 -1.08 -5.43 -2.73
N PRO A 23 -1.86 -5.81 -3.79
CA PRO A 23 -1.41 -5.74 -5.21
C PRO A 23 -0.89 -4.35 -5.74
N PRO A 24 -0.04 -4.26 -6.81
CA PRO A 24 0.44 -2.97 -7.37
C PRO A 24 -0.67 -2.08 -7.98
N GLY A 25 -0.64 -0.78 -7.62
CA GLY A 25 -1.72 0.17 -7.98
C GLY A 25 -2.82 0.38 -6.92
N GLN A 26 -3.36 -0.73 -6.37
CA GLN A 26 -4.50 -0.72 -5.42
C GLN A 26 -4.29 -0.05 -4.01
N CYS A 27 -3.05 0.24 -3.56
CA CYS A 27 -2.83 0.96 -2.26
C CYS A 27 -3.17 2.47 -2.39
N ARG A 28 -4.23 2.88 -1.68
CA ARG A 28 -4.82 4.24 -1.77
C ARG A 28 -4.50 5.06 -0.49
N PHE A 29 -4.27 6.37 -0.65
CA PHE A 29 -3.71 7.22 0.42
C PHE A 29 -4.69 8.42 0.68
N PRO A 30 -5.74 8.31 1.55
CA PRO A 30 -6.65 9.44 1.87
C PRO A 30 -6.03 10.51 2.83
N ARG A 31 -6.54 11.75 2.68
CA ARG A 31 -5.92 12.97 3.29
C ARG A 31 -6.07 13.10 4.84
N GLY A 32 -5.34 14.08 5.41
CA GLY A 32 -5.53 14.51 6.82
C GLY A 32 -4.90 13.56 7.85
N ASP A 33 -5.77 12.88 8.61
CA ASP A 33 -5.37 11.72 9.45
C ASP A 33 -6.32 10.53 9.09
N ALA A 34 -6.09 9.94 7.90
CA ALA A 34 -6.81 8.73 7.43
C ALA A 34 -5.77 7.73 6.88
N ASP A 35 -5.83 6.49 7.41
CA ASP A 35 -4.81 5.44 7.15
C ASP A 35 -4.87 4.86 5.70
N PRO A 36 -3.77 4.35 5.08
CA PRO A 36 -3.75 3.92 3.67
C PRO A 36 -4.30 2.49 3.46
N TYR A 37 -5.42 2.41 2.73
CA TYR A 37 -6.24 1.16 2.59
C TYR A 37 -5.93 0.43 1.27
N CYS A 38 -5.93 -0.92 1.32
CA CYS A 38 -5.84 -1.77 0.10
C CYS A 38 -7.24 -1.92 -0.53
N GLU A 39 -7.35 -1.55 -1.82
CA GLU A 39 -8.62 -1.59 -2.58
C GLU A 39 -8.89 -3.03 -3.11
N ALA A 1 15.84 -13.41 2.10
CA ALA A 1 14.63 -13.43 2.97
C ALA A 1 13.49 -12.61 2.30
N PRO A 2 12.34 -13.20 1.83
CA PRO A 2 11.25 -12.43 1.16
C PRO A 2 10.54 -11.37 2.06
N ARG A 3 10.56 -10.11 1.61
CA ARG A 3 10.01 -8.95 2.36
C ARG A 3 9.42 -7.95 1.34
N LEU A 4 8.13 -7.60 1.53
CA LEU A 4 7.45 -6.57 0.72
C LEU A 4 7.86 -5.12 1.14
N PRO A 5 8.25 -4.18 0.23
CA PRO A 5 8.43 -2.73 0.56
C PRO A 5 7.21 -2.02 1.22
N GLN A 6 7.38 -0.78 1.65
CA GLN A 6 6.25 0.10 2.08
C GLN A 6 5.75 0.91 0.84
N CYS A 7 4.42 0.97 0.69
CA CYS A 7 3.75 1.62 -0.46
C CYS A 7 3.98 3.17 -0.53
N GLN A 8 3.93 3.69 -1.76
CA GLN A 8 4.08 5.15 -2.04
C GLN A 8 2.74 5.78 -2.53
N GLY A 9 2.14 5.27 -3.63
CA GLY A 9 0.84 5.76 -4.14
C GLY A 9 0.67 5.34 -5.60
N ASP A 10 -0.10 4.26 -5.82
CA ASP A 10 -0.21 3.52 -7.11
C ASP A 10 1.18 2.96 -7.53
N ASP A 11 1.51 1.76 -7.03
CA ASP A 11 2.89 1.22 -7.01
C ASP A 11 3.22 0.37 -8.26
N GLN A 12 4.54 0.21 -8.52
CA GLN A 12 5.07 -0.77 -9.51
C GLN A 12 5.08 -2.24 -8.98
N GLU A 13 5.51 -2.49 -7.72
CA GLU A 13 5.55 -3.84 -7.11
C GLU A 13 4.49 -3.98 -5.97
N LYS A 14 4.30 -5.23 -5.49
CA LYS A 14 3.44 -5.52 -4.30
C LYS A 14 4.12 -4.99 -3.00
N CYS A 15 3.34 -4.24 -2.19
CA CYS A 15 3.87 -3.48 -1.03
C CYS A 15 2.82 -3.42 0.13
N LEU A 16 3.31 -2.97 1.30
CA LEU A 16 2.51 -2.84 2.54
C LEU A 16 1.65 -1.55 2.51
N CYS A 17 0.32 -1.71 2.59
CA CYS A 17 -0.65 -0.59 2.65
C CYS A 17 -1.11 -0.47 4.12
N ASN A 18 -0.54 0.51 4.85
CA ASN A 18 -0.54 0.58 6.34
C ASN A 18 0.42 -0.52 6.88
N LYS A 19 -0.12 -1.71 7.15
CA LYS A 19 0.68 -2.95 7.38
C LYS A 19 -0.06 -4.21 6.80
N ASP A 20 -0.48 -4.15 5.52
CA ASP A 20 -1.35 -5.17 4.90
C ASP A 20 -0.90 -5.34 3.42
N GLU A 21 -0.54 -6.58 3.01
CA GLU A 21 -0.05 -6.87 1.65
C GLU A 21 -1.10 -6.55 0.52
N CYS A 22 -0.67 -5.72 -0.44
CA CYS A 22 -1.59 -5.09 -1.43
C CYS A 22 -0.91 -5.03 -2.83
N PRO A 23 -1.56 -5.40 -3.97
CA PRO A 23 -0.88 -5.48 -5.29
C PRO A 23 -0.62 -4.10 -5.99
N PRO A 24 0.19 -4.01 -7.09
CA PRO A 24 0.42 -2.76 -7.86
C PRO A 24 -0.83 -1.94 -8.29
N GLY A 25 -0.85 -0.65 -7.94
CA GLY A 25 -2.05 0.21 -8.17
C GLY A 25 -3.06 0.29 -7.00
N GLN A 26 -3.49 -0.88 -6.48
CA GLN A 26 -4.55 -0.99 -5.45
C GLN A 26 -4.26 -0.42 -4.02
N CYS A 27 -3.01 -0.03 -3.65
CA CYS A 27 -2.77 0.69 -2.37
C CYS A 27 -3.15 2.19 -2.50
N ARG A 28 -4.24 2.57 -1.81
CA ARG A 28 -4.89 3.90 -1.92
C ARG A 28 -4.63 4.73 -0.63
N PHE A 29 -4.46 6.05 -0.79
CA PHE A 29 -3.90 6.94 0.27
C PHE A 29 -4.95 8.06 0.61
N PRO A 30 -5.69 8.02 1.75
CA PRO A 30 -6.57 9.15 2.19
C PRO A 30 -5.87 10.51 2.50
N ARG A 31 -6.70 11.55 2.68
CA ARG A 31 -6.26 12.90 3.11
C ARG A 31 -6.14 13.01 4.66
N GLY A 32 -5.40 14.05 5.12
CA GLY A 32 -5.36 14.44 6.54
C GLY A 32 -4.52 13.50 7.42
N ASP A 33 -5.21 12.77 8.31
CA ASP A 33 -4.59 11.67 9.10
C ASP A 33 -5.56 10.44 9.11
N ALA A 34 -5.64 9.74 7.96
CA ALA A 34 -6.27 8.40 7.85
C ALA A 34 -5.32 7.49 7.04
N ASP A 35 -5.05 6.30 7.60
CA ASP A 35 -3.95 5.41 7.13
C ASP A 35 -4.24 4.69 5.77
N PRO A 36 -3.23 4.28 4.93
CA PRO A 36 -3.47 3.68 3.59
C PRO A 36 -4.24 2.32 3.60
N TYR A 37 -5.27 2.24 2.74
CA TYR A 37 -6.14 1.03 2.63
C TYR A 37 -5.89 0.32 1.27
N CYS A 38 -5.91 -1.03 1.29
CA CYS A 38 -5.90 -1.84 0.05
C CYS A 38 -7.34 -1.92 -0.56
N GLU A 39 -7.43 -1.89 -1.91
CA GLU A 39 -8.73 -1.77 -2.62
C GLU A 39 -9.45 -3.13 -2.70
N ALA A 1 9.83 -16.75 3.12
CA ALA A 1 8.86 -15.67 3.44
C ALA A 1 9.32 -14.34 2.78
N PRO A 2 8.66 -13.78 1.73
CA PRO A 2 9.12 -12.55 1.03
C PRO A 2 8.82 -11.25 1.82
N ARG A 3 9.85 -10.40 2.00
CA ARG A 3 9.72 -9.10 2.71
C ARG A 3 9.28 -8.03 1.67
N LEU A 4 8.02 -7.60 1.79
CA LEU A 4 7.41 -6.60 0.88
C LEU A 4 7.86 -5.15 1.26
N PRO A 5 8.36 -4.28 0.32
CA PRO A 5 8.56 -2.82 0.57
C PRO A 5 7.33 -2.04 1.11
N GLN A 6 7.51 -0.79 1.56
CA GLN A 6 6.39 0.12 1.88
C GLN A 6 5.80 0.72 0.57
N CYS A 7 4.47 0.92 0.57
CA CYS A 7 3.72 1.48 -0.57
C CYS A 7 3.96 3.01 -0.77
N GLN A 8 3.71 3.46 -2.02
CA GLN A 8 3.73 4.91 -2.39
C GLN A 8 2.31 5.53 -2.67
N GLY A 9 1.39 4.78 -3.30
CA GLY A 9 0.11 5.31 -3.82
C GLY A 9 0.03 5.00 -5.32
N ASP A 10 -0.57 3.85 -5.68
CA ASP A 10 -0.55 3.25 -7.04
C ASP A 10 0.90 2.81 -7.41
N ASP A 11 1.24 1.55 -7.07
CA ASP A 11 2.65 1.07 -7.02
C ASP A 11 3.10 0.35 -8.32
N GLN A 12 4.44 0.22 -8.46
CA GLN A 12 5.08 -0.68 -9.46
C GLN A 12 5.11 -2.19 -9.02
N GLU A 13 5.45 -2.51 -7.75
CA GLU A 13 5.44 -3.89 -7.20
C GLU A 13 4.52 -4.03 -5.95
N LYS A 14 4.34 -5.31 -5.52
CA LYS A 14 3.53 -5.66 -4.33
C LYS A 14 4.21 -5.13 -3.02
N CYS A 15 3.42 -4.43 -2.19
CA CYS A 15 3.94 -3.60 -1.07
C CYS A 15 2.96 -3.57 0.14
N LEU A 16 3.44 -3.04 1.27
CA LEU A 16 2.66 -2.87 2.52
C LEU A 16 1.85 -1.54 2.46
N CYS A 17 0.52 -1.66 2.40
CA CYS A 17 -0.41 -0.50 2.41
C CYS A 17 -0.80 -0.23 3.88
N ASN A 18 -0.07 0.72 4.53
CA ASN A 18 -0.05 0.93 6.00
C ASN A 18 0.72 -0.26 6.69
N LYS A 19 0.00 -1.36 6.95
CA LYS A 19 0.60 -2.66 7.35
C LYS A 19 -0.29 -3.83 6.79
N ASP A 20 -0.51 -3.86 5.46
CA ASP A 20 -1.44 -4.83 4.81
C ASP A 20 -0.84 -5.18 3.42
N GLU A 21 -0.57 -6.47 3.15
CA GLU A 21 -0.02 -6.94 1.85
C GLU A 21 -1.00 -6.66 0.66
N CYS A 22 -0.51 -5.93 -0.35
CA CYS A 22 -1.39 -5.22 -1.31
C CYS A 22 -0.71 -5.16 -2.71
N PRO A 23 -1.23 -5.81 -3.80
CA PRO A 23 -0.60 -5.75 -5.15
C PRO A 23 -0.48 -4.35 -5.85
N PRO A 24 0.32 -4.18 -6.95
CA PRO A 24 0.48 -2.87 -7.65
C PRO A 24 -0.80 -2.32 -8.31
N GLY A 25 -1.01 -1.00 -8.18
CA GLY A 25 -2.31 -0.36 -8.52
C GLY A 25 -3.29 -0.16 -7.33
N GLN A 26 -3.46 -1.20 -6.50
CA GLN A 26 -4.49 -1.27 -5.42
C GLN A 26 -4.34 -0.21 -4.27
N CYS A 27 -3.13 0.04 -3.73
CA CYS A 27 -2.94 0.85 -2.50
C CYS A 27 -3.28 2.36 -2.68
N ARG A 28 -4.18 2.85 -1.80
CA ARG A 28 -4.67 4.26 -1.83
C ARG A 28 -4.21 5.00 -0.54
N PHE A 29 -3.92 6.32 -0.68
CA PHE A 29 -3.37 7.14 0.43
C PHE A 29 -4.37 8.33 0.69
N PRO A 30 -5.39 8.22 1.60
CA PRO A 30 -6.31 9.35 1.92
C PRO A 30 -5.67 10.41 2.88
N ARG A 31 -6.21 11.64 2.81
CA ARG A 31 -5.60 12.83 3.45
C ARG A 31 -5.86 12.93 5.00
N GLY A 32 -5.05 13.77 5.67
CA GLY A 32 -5.27 14.16 7.08
C GLY A 32 -4.85 13.09 8.10
N ASP A 33 -5.80 12.68 8.94
CA ASP A 33 -5.64 11.51 9.84
C ASP A 33 -6.50 10.31 9.29
N ALA A 34 -6.15 9.82 8.09
CA ALA A 34 -6.74 8.60 7.51
C ALA A 34 -5.59 7.73 6.94
N ASP A 35 -5.54 6.48 7.41
CA ASP A 35 -4.42 5.54 7.12
C ASP A 35 -4.54 4.86 5.71
N PRO A 36 -3.43 4.52 4.99
CA PRO A 36 -3.50 3.85 3.66
C PRO A 36 -4.22 2.47 3.63
N TYR A 37 -5.20 2.34 2.72
CA TYR A 37 -6.07 1.14 2.59
C TYR A 37 -5.85 0.45 1.21
N CYS A 38 -5.91 -0.89 1.19
CA CYS A 38 -5.77 -1.67 -0.07
C CYS A 38 -7.15 -1.79 -0.78
N GLU A 39 -7.28 -1.11 -1.94
CA GLU A 39 -8.54 -1.07 -2.72
C GLU A 39 -8.46 -2.16 -3.83
N ALA A 1 7.40 -16.66 4.04
CA ALA A 1 6.62 -15.41 4.00
C ALA A 1 7.30 -14.33 3.11
N PRO A 2 6.60 -13.56 2.23
CA PRO A 2 7.25 -12.58 1.31
C PRO A 2 7.66 -11.26 2.03
N ARG A 3 8.89 -10.80 1.74
CA ARG A 3 9.44 -9.54 2.31
C ARG A 3 9.07 -8.36 1.35
N LEU A 4 7.99 -7.65 1.68
CA LEU A 4 7.35 -6.67 0.77
C LEU A 4 7.81 -5.21 1.09
N PRO A 5 8.29 -4.37 0.12
CA PRO A 5 8.49 -2.90 0.32
C PRO A 5 7.25 -2.10 0.82
N GLN A 6 7.44 -0.86 1.27
CA GLN A 6 6.34 0.06 1.64
C GLN A 6 5.91 0.89 0.40
N CYS A 7 4.59 0.99 0.20
CA CYS A 7 3.98 1.74 -0.93
C CYS A 7 4.11 3.30 -0.78
N GLN A 8 4.02 3.98 -1.92
CA GLN A 8 4.02 5.47 -2.01
C GLN A 8 2.67 6.01 -2.59
N GLY A 9 2.16 5.48 -3.71
CA GLY A 9 0.88 5.92 -4.30
C GLY A 9 0.72 5.36 -5.72
N ASP A 10 -0.02 4.24 -5.87
CA ASP A 10 -0.20 3.50 -7.16
C ASP A 10 1.16 2.97 -7.71
N ASP A 11 1.57 1.77 -7.22
CA ASP A 11 2.98 1.30 -7.32
C ASP A 11 3.14 0.15 -8.36
N GLN A 12 4.41 -0.09 -8.74
CA GLN A 12 4.80 -1.18 -9.69
C GLN A 12 4.81 -2.62 -9.06
N GLU A 13 5.29 -2.80 -7.80
CA GLU A 13 5.42 -4.14 -7.15
C GLU A 13 4.41 -4.29 -5.98
N LYS A 14 4.27 -5.55 -5.49
CA LYS A 14 3.43 -5.88 -4.30
C LYS A 14 4.10 -5.33 -3.00
N CYS A 15 3.30 -4.67 -2.16
CA CYS A 15 3.81 -3.80 -1.07
C CYS A 15 2.90 -3.85 0.19
N LEU A 16 3.44 -3.30 1.29
CA LEU A 16 2.65 -2.95 2.51
C LEU A 16 1.83 -1.66 2.26
N CYS A 17 0.52 -1.72 2.57
CA CYS A 17 -0.38 -0.55 2.48
C CYS A 17 -0.81 -0.20 3.93
N ASN A 18 -0.09 0.77 4.54
CA ASN A 18 -0.04 1.00 6.01
C ASN A 18 0.80 -0.15 6.67
N LYS A 19 0.15 -1.28 6.98
CA LYS A 19 0.84 -2.57 7.29
C LYS A 19 0.01 -3.79 6.77
N ASP A 20 -0.41 -3.78 5.48
CA ASP A 20 -1.35 -4.78 4.91
C ASP A 20 -0.87 -5.14 3.49
N GLU A 21 -0.55 -6.43 3.25
CA GLU A 21 -0.04 -6.92 1.94
C GLU A 21 -1.07 -6.73 0.78
N CYS A 22 -0.64 -6.03 -0.28
CA CYS A 22 -1.56 -5.41 -1.28
C CYS A 22 -0.92 -5.48 -2.70
N PRO A 23 -1.55 -6.08 -3.76
CA PRO A 23 -0.99 -6.09 -5.14
C PRO A 23 -0.77 -4.68 -5.82
N PRO A 24 0.06 -4.54 -6.90
CA PRO A 24 0.32 -3.24 -7.59
C PRO A 24 -0.91 -2.36 -7.99
N GLY A 25 -0.79 -1.05 -7.74
CA GLY A 25 -1.86 -0.07 -8.07
C GLY A 25 -2.95 0.16 -7.00
N GLN A 26 -3.45 -0.92 -6.37
CA GLN A 26 -4.52 -0.86 -5.33
C GLN A 26 -4.22 -0.03 -4.04
N CYS A 27 -2.96 0.21 -3.64
CA CYS A 27 -2.66 0.97 -2.39
C CYS A 27 -2.96 2.49 -2.54
N ARG A 28 -4.01 2.94 -1.82
CA ARG A 28 -4.53 4.33 -1.89
C ARG A 28 -4.20 5.09 -0.57
N PHE A 29 -3.97 6.42 -0.67
CA PHE A 29 -3.40 7.22 0.43
C PHE A 29 -4.37 8.40 0.76
N PRO A 30 -5.37 8.29 1.69
CA PRO A 30 -6.31 9.40 2.02
C PRO A 30 -5.72 10.42 3.04
N ARG A 31 -6.24 11.66 2.97
CA ARG A 31 -5.65 12.84 3.65
C ARG A 31 -6.06 12.95 5.16
N GLY A 32 -5.43 13.92 5.87
CA GLY A 32 -5.82 14.31 7.24
C GLY A 32 -5.33 13.33 8.32
N ASP A 33 -6.29 12.64 8.95
CA ASP A 33 -5.98 11.47 9.83
C ASP A 33 -6.80 10.25 9.30
N ALA A 34 -6.38 9.70 8.14
CA ALA A 34 -6.96 8.47 7.55
C ALA A 34 -5.79 7.62 6.98
N ASP A 35 -5.74 6.35 7.41
CA ASP A 35 -4.59 5.44 7.13
C ASP A 35 -4.67 4.82 5.69
N PRO A 36 -3.53 4.53 4.98
CA PRO A 36 -3.54 3.89 3.63
C PRO A 36 -4.22 2.50 3.55
N TYR A 37 -5.14 2.35 2.58
CA TYR A 37 -6.00 1.14 2.44
C TYR A 37 -5.73 0.42 1.09
N CYS A 38 -5.81 -0.92 1.12
CA CYS A 38 -5.77 -1.76 -0.11
C CYS A 38 -7.20 -1.85 -0.72
N GLU A 39 -7.31 -1.45 -2.00
CA GLU A 39 -8.61 -1.26 -2.67
C GLU A 39 -9.11 -2.61 -3.26
N ALA A 1 15.67 -14.00 -0.20
CA ALA A 1 14.93 -13.63 1.03
C ALA A 1 13.64 -12.85 0.63
N PRO A 2 12.39 -13.40 0.73
CA PRO A 2 11.16 -12.69 0.28
C PRO A 2 10.69 -11.59 1.29
N ARG A 3 10.70 -10.34 0.83
CA ARG A 3 10.35 -9.16 1.67
C ARG A 3 9.63 -8.13 0.76
N LEU A 4 8.39 -7.76 1.15
CA LEU A 4 7.60 -6.73 0.45
C LEU A 4 8.05 -5.28 0.84
N PRO A 5 8.30 -4.33 -0.10
CA PRO A 5 8.51 -2.88 0.23
C PRO A 5 7.34 -2.20 1.01
N GLN A 6 7.53 -0.92 1.41
CA GLN A 6 6.44 -0.06 1.89
C GLN A 6 5.87 0.76 0.70
N CYS A 7 4.53 0.84 0.65
CA CYS A 7 3.79 1.45 -0.49
C CYS A 7 4.00 2.99 -0.64
N GLN A 8 3.72 3.50 -1.84
CA GLN A 8 3.75 4.96 -2.17
C GLN A 8 2.36 5.58 -2.51
N GLY A 9 1.46 4.87 -3.22
CA GLY A 9 0.21 5.43 -3.76
C GLY A 9 0.17 5.18 -5.27
N ASP A 10 -0.51 4.09 -5.69
CA ASP A 10 -0.46 3.54 -7.08
C ASP A 10 0.99 3.01 -7.39
N ASP A 11 1.23 1.74 -7.04
CA ASP A 11 2.60 1.18 -6.95
C ASP A 11 3.03 0.41 -8.22
N GLN A 12 4.36 0.25 -8.36
CA GLN A 12 4.98 -0.70 -9.32
C GLN A 12 5.05 -2.17 -8.77
N GLU A 13 5.41 -2.38 -7.49
CA GLU A 13 5.53 -3.75 -6.88
C GLU A 13 4.44 -3.98 -5.78
N LYS A 14 4.29 -5.26 -5.38
CA LYS A 14 3.40 -5.65 -4.25
C LYS A 14 4.05 -5.21 -2.91
N CYS A 15 3.32 -4.42 -2.11
CA CYS A 15 3.90 -3.66 -0.98
C CYS A 15 2.90 -3.57 0.22
N LEU A 16 3.44 -3.10 1.36
CA LEU A 16 2.68 -2.89 2.62
C LEU A 16 1.83 -1.58 2.54
N CYS A 17 0.49 -1.74 2.55
CA CYS A 17 -0.46 -0.60 2.53
C CYS A 17 -0.91 -0.36 4.00
N ASN A 18 -0.26 0.64 4.65
CA ASN A 18 -0.23 0.80 6.13
C ASN A 18 0.72 -0.28 6.73
N LYS A 19 0.16 -1.46 7.04
CA LYS A 19 0.92 -2.70 7.36
C LYS A 19 0.19 -3.98 6.79
N ASP A 20 -0.28 -3.95 5.53
CA ASP A 20 -1.18 -5.00 4.97
C ASP A 20 -0.79 -5.22 3.48
N GLU A 21 -0.42 -6.47 3.11
CA GLU A 21 0.05 -6.81 1.75
C GLU A 21 -1.00 -6.54 0.63
N CYS A 22 -0.57 -5.80 -0.42
CA CYS A 22 -1.50 -5.14 -1.38
C CYS A 22 -0.88 -5.11 -2.81
N PRO A 23 -1.57 -5.52 -3.92
CA PRO A 23 -0.98 -5.55 -5.29
C PRO A 23 -0.56 -4.17 -5.91
N PRO A 24 0.26 -4.11 -7.01
CA PRO A 24 0.51 -2.86 -7.80
C PRO A 24 -0.76 -2.10 -8.29
N GLY A 25 -0.82 -0.80 -8.00
CA GLY A 25 -2.04 0.01 -8.25
C GLY A 25 -3.03 0.10 -7.07
N GLN A 26 -3.43 -1.06 -6.50
CA GLN A 26 -4.45 -1.16 -5.43
C GLN A 26 -4.24 -0.35 -4.12
N CYS A 27 -2.99 -0.08 -3.67
CA CYS A 27 -2.75 0.70 -2.43
C CYS A 27 -3.04 2.22 -2.63
N ARG A 28 -3.96 2.74 -1.80
CA ARG A 28 -4.43 4.15 -1.86
C ARG A 28 -4.08 4.89 -0.55
N PHE A 29 -3.80 6.20 -0.66
CA PHE A 29 -3.32 7.03 0.47
C PHE A 29 -4.31 8.24 0.65
N PRO A 30 -5.40 8.16 1.48
CA PRO A 30 -6.29 9.32 1.75
C PRO A 30 -5.68 10.36 2.73
N ARG A 31 -6.14 11.62 2.60
CA ARG A 31 -5.50 12.80 3.25
C ARG A 31 -5.81 12.94 4.77
N GLY A 32 -5.00 13.79 5.45
CA GLY A 32 -5.26 14.19 6.85
C GLY A 32 -4.84 13.14 7.88
N ASP A 33 -5.81 12.74 8.72
CA ASP A 33 -5.66 11.55 9.61
C ASP A 33 -6.55 10.38 9.06
N ALA A 34 -6.22 9.88 7.86
CA ALA A 34 -6.86 8.70 7.25
C ALA A 34 -5.75 7.74 6.76
N ASP A 35 -5.81 6.50 7.24
CA ASP A 35 -4.74 5.47 7.05
C ASP A 35 -4.73 4.85 5.61
N PRO A 36 -3.58 4.37 5.05
CA PRO A 36 -3.53 3.78 3.68
C PRO A 36 -4.27 2.42 3.56
N TYR A 37 -5.30 2.37 2.70
CA TYR A 37 -6.17 1.17 2.51
C TYR A 37 -5.82 0.44 1.18
N CYS A 38 -5.89 -0.90 1.22
CA CYS A 38 -5.85 -1.73 -0.02
C CYS A 38 -7.29 -1.85 -0.60
N GLU A 39 -7.46 -1.42 -1.86
CA GLU A 39 -8.79 -1.17 -2.46
C GLU A 39 -9.44 -2.47 -2.98
N ALA A 1 6.68 -16.15 4.84
CA ALA A 1 6.09 -14.81 4.60
C ALA A 1 6.81 -14.07 3.44
N PRO A 2 6.12 -13.30 2.53
CA PRO A 2 6.77 -12.61 1.39
C PRO A 2 7.54 -11.31 1.81
N ARG A 3 8.70 -11.08 1.17
CA ARG A 3 9.60 -9.94 1.49
C ARG A 3 9.19 -8.73 0.59
N LEU A 4 8.37 -7.83 1.15
CA LEU A 4 7.66 -6.78 0.38
C LEU A 4 8.13 -5.36 0.84
N PRO A 5 8.44 -4.39 -0.07
CA PRO A 5 8.62 -2.94 0.28
C PRO A 5 7.40 -2.26 1.00
N GLN A 6 7.58 -1.00 1.42
CA GLN A 6 6.47 -0.13 1.87
C GLN A 6 5.92 0.68 0.65
N CYS A 7 4.58 0.74 0.55
CA CYS A 7 3.87 1.42 -0.56
C CYS A 7 4.08 2.97 -0.58
N GLN A 8 4.03 3.54 -1.79
CA GLN A 8 4.18 5.01 -2.02
C GLN A 8 2.86 5.65 -2.55
N GLY A 9 2.27 5.12 -3.64
CA GLY A 9 0.99 5.62 -4.18
C GLY A 9 0.82 5.14 -5.62
N ASP A 10 0.01 4.07 -5.79
CA ASP A 10 -0.17 3.32 -7.06
C ASP A 10 1.19 2.74 -7.57
N ASP A 11 1.57 1.57 -7.02
CA ASP A 11 2.96 1.07 -7.08
C ASP A 11 3.26 0.24 -8.36
N GLN A 12 4.56 -0.01 -8.60
CA GLN A 12 5.05 -0.93 -9.66
C GLN A 12 4.98 -2.43 -9.26
N GLU A 13 5.44 -2.81 -8.04
CA GLU A 13 5.33 -4.21 -7.51
C GLU A 13 4.54 -4.22 -6.16
N LYS A 14 4.27 -5.44 -5.65
CA LYS A 14 3.48 -5.67 -4.41
C LYS A 14 4.21 -5.13 -3.14
N CYS A 15 3.45 -4.44 -2.27
CA CYS A 15 4.00 -3.67 -1.14
C CYS A 15 2.99 -3.57 0.05
N LEU A 16 3.49 -3.14 1.21
CA LEU A 16 2.69 -2.95 2.45
C LEU A 16 1.88 -1.64 2.38
N CYS A 17 0.54 -1.75 2.40
CA CYS A 17 -0.37 -0.57 2.40
C CYS A 17 -0.76 -0.24 3.86
N ASN A 18 0.04 0.64 4.49
CA ASN A 18 0.04 0.90 5.97
C ASN A 18 0.74 -0.29 6.71
N LYS A 19 -0.01 -1.38 6.93
CA LYS A 19 0.50 -2.68 7.45
C LYS A 19 0.09 -3.94 6.61
N ASP A 20 -0.90 -3.85 5.70
CA ASP A 20 -1.52 -5.04 5.04
C ASP A 20 -0.97 -5.17 3.60
N GLU A 21 -0.44 -6.37 3.26
CA GLU A 21 0.13 -6.66 1.91
C GLU A 21 -0.92 -6.56 0.76
N CYS A 22 -0.55 -5.81 -0.29
CA CYS A 22 -1.51 -5.27 -1.28
C CYS A 22 -0.91 -5.30 -2.71
N PRO A 23 -1.57 -5.88 -3.77
CA PRO A 23 -1.05 -5.83 -5.17
C PRO A 23 -0.80 -4.41 -5.79
N PRO A 24 0.09 -4.21 -6.82
CA PRO A 24 0.42 -2.87 -7.35
C PRO A 24 -0.75 -2.16 -8.09
N GLY A 25 -1.00 -0.90 -7.71
CA GLY A 25 -2.22 -0.16 -8.15
C GLY A 25 -3.24 0.11 -7.01
N GLN A 26 -3.72 -0.96 -6.34
CA GLN A 26 -4.75 -0.88 -5.28
C GLN A 26 -4.45 -0.03 -4.01
N CYS A 27 -3.17 0.24 -3.63
CA CYS A 27 -2.83 0.99 -2.40
C CYS A 27 -3.13 2.51 -2.55
N ARG A 28 -4.17 2.97 -1.83
CA ARG A 28 -4.67 4.36 -1.88
C ARG A 28 -4.27 5.13 -0.58
N PHE A 29 -4.02 6.44 -0.71
CA PHE A 29 -3.44 7.26 0.38
C PHE A 29 -4.42 8.45 0.69
N PRO A 30 -5.42 8.32 1.62
CA PRO A 30 -6.36 9.42 1.95
C PRO A 30 -5.76 10.47 2.95
N ARG A 31 -6.24 11.72 2.84
CA ARG A 31 -5.65 12.89 3.53
C ARG A 31 -6.14 13.03 5.02
N GLY A 32 -5.62 14.05 5.73
CA GLY A 32 -6.10 14.43 7.09
C GLY A 32 -5.54 13.52 8.20
N ASP A 33 -6.42 12.73 8.80
CA ASP A 33 -6.03 11.60 9.69
C ASP A 33 -6.81 10.33 9.21
N ALA A 34 -6.39 9.77 8.06
CA ALA A 34 -6.95 8.51 7.52
C ALA A 34 -5.76 7.67 6.95
N ASP A 35 -5.68 6.42 7.41
CA ASP A 35 -4.53 5.52 7.13
C ASP A 35 -4.61 4.88 5.70
N PRO A 36 -3.47 4.59 4.98
CA PRO A 36 -3.49 3.93 3.64
C PRO A 36 -4.18 2.53 3.59
N TYR A 37 -5.11 2.38 2.64
CA TYR A 37 -5.99 1.17 2.54
C TYR A 37 -5.75 0.42 1.20
N CYS A 38 -5.82 -0.92 1.27
CA CYS A 38 -5.80 -1.79 0.07
C CYS A 38 -7.24 -1.91 -0.52
N GLU A 39 -7.40 -1.45 -1.77
CA GLU A 39 -8.73 -1.26 -2.41
C GLU A 39 -9.18 -2.57 -3.10
N ALA A 1 8.55 -16.86 1.93
CA ALA A 1 7.78 -15.66 2.33
C ALA A 1 8.40 -14.39 1.66
N PRO A 2 7.77 -13.70 0.68
CA PRO A 2 8.33 -12.49 0.01
C PRO A 2 8.72 -11.30 0.94
N ARG A 3 9.86 -10.66 0.65
CA ARG A 3 10.34 -9.46 1.38
C ARG A 3 9.78 -8.21 0.66
N LEU A 4 8.69 -7.66 1.20
CA LEU A 4 7.87 -6.62 0.51
C LEU A 4 8.24 -5.19 1.01
N PRO A 5 8.53 -4.18 0.15
CA PRO A 5 8.64 -2.75 0.56
C PRO A 5 7.39 -2.13 1.27
N GLN A 6 7.54 -0.89 1.75
CA GLN A 6 6.40 -0.03 2.15
C GLN A 6 5.89 0.74 0.89
N CYS A 7 4.57 0.74 0.68
CA CYS A 7 3.91 1.43 -0.47
C CYS A 7 4.12 2.98 -0.47
N GLN A 8 4.04 3.58 -1.67
CA GLN A 8 4.27 5.04 -1.88
C GLN A 8 2.98 5.76 -2.37
N GLY A 9 2.38 5.35 -3.50
CA GLY A 9 1.17 6.02 -4.04
C GLY A 9 0.83 5.47 -5.44
N ASP A 10 -0.05 4.44 -5.50
CA ASP A 10 -0.40 3.70 -6.75
C ASP A 10 0.87 3.00 -7.36
N ASP A 11 1.20 1.81 -6.84
CA ASP A 11 2.58 1.26 -6.91
C ASP A 11 2.83 0.40 -8.19
N GLN A 12 4.13 0.30 -8.54
CA GLN A 12 4.62 -0.65 -9.59
C GLN A 12 4.72 -2.13 -9.07
N GLU A 13 5.22 -2.38 -7.84
CA GLU A 13 5.36 -3.74 -7.26
C GLU A 13 4.42 -3.99 -6.05
N LYS A 14 4.41 -5.26 -5.60
CA LYS A 14 3.69 -5.72 -4.38
C LYS A 14 4.34 -5.12 -3.10
N CYS A 15 3.56 -4.42 -2.27
CA CYS A 15 4.07 -3.65 -1.11
C CYS A 15 3.02 -3.56 0.04
N LEU A 16 3.50 -3.16 1.24
CA LEU A 16 2.65 -3.00 2.45
C LEU A 16 1.81 -1.70 2.38
N CYS A 17 0.47 -1.84 2.46
CA CYS A 17 -0.46 -0.68 2.49
C CYS A 17 -0.85 -0.39 3.97
N ASN A 18 0.02 0.39 4.64
CA ASN A 18 0.05 0.57 6.12
C ASN A 18 0.59 -0.72 6.81
N LYS A 19 -0.32 -1.67 7.04
CA LYS A 19 -0.03 -3.03 7.59
C LYS A 19 -0.24 -4.17 6.54
N ASP A 20 -1.25 -4.05 5.65
CA ASP A 20 -1.78 -5.20 4.87
C ASP A 20 -1.17 -5.20 3.44
N GLU A 21 -0.54 -6.33 3.07
CA GLU A 21 0.12 -6.49 1.74
C GLU A 21 -0.88 -6.44 0.55
N CYS A 22 -0.58 -5.56 -0.43
CA CYS A 22 -1.57 -5.10 -1.43
C CYS A 22 -0.97 -5.14 -2.87
N PRO A 23 -1.62 -5.74 -3.90
CA PRO A 23 -1.10 -5.74 -5.31
C PRO A 23 -0.83 -4.36 -5.98
N PRO A 24 0.03 -4.23 -7.04
CA PRO A 24 0.25 -2.97 -7.80
C PRO A 24 -1.00 -2.16 -8.24
N GLY A 25 -1.00 -0.86 -7.96
CA GLY A 25 -2.17 0.02 -8.22
C GLY A 25 -3.17 0.17 -7.05
N GLN A 26 -3.62 -0.96 -6.47
CA GLN A 26 -4.68 -0.99 -5.42
C GLN A 26 -4.36 -0.29 -4.06
N CYS A 27 -3.09 -0.02 -3.67
CA CYS A 27 -2.80 0.70 -2.40
C CYS A 27 -3.13 2.22 -2.50
N ARG A 28 -4.20 2.62 -1.77
CA ARG A 28 -4.75 3.99 -1.79
C ARG A 28 -4.23 4.81 -0.57
N PHE A 29 -4.10 6.13 -0.75
CA PHE A 29 -3.49 7.03 0.27
C PHE A 29 -4.49 8.20 0.56
N PRO A 30 -5.46 8.09 1.51
CA PRO A 30 -6.41 9.20 1.83
C PRO A 30 -5.79 10.30 2.74
N ARG A 31 -6.28 11.54 2.55
CA ARG A 31 -5.70 12.76 3.16
C ARG A 31 -6.03 12.97 4.67
N GLY A 32 -5.42 14.04 5.26
CA GLY A 32 -5.76 14.51 6.63
C GLY A 32 -5.11 13.64 7.73
N ASP A 33 -5.96 12.89 8.46
CA ASP A 33 -5.50 11.81 9.35
C ASP A 33 -6.34 10.54 9.01
N ALA A 34 -6.02 9.91 7.85
CA ALA A 34 -6.62 8.63 7.41
C ALA A 34 -5.50 7.73 6.84
N ASP A 35 -5.44 6.50 7.36
CA ASP A 35 -4.33 5.55 7.11
C ASP A 35 -4.43 4.85 5.70
N PRO A 36 -3.31 4.50 4.99
CA PRO A 36 -3.36 3.78 3.68
C PRO A 36 -4.07 2.39 3.71
N TYR A 37 -5.01 2.20 2.78
CA TYR A 37 -5.86 0.98 2.71
C TYR A 37 -5.70 0.27 1.34
N CYS A 38 -5.76 -1.07 1.35
CA CYS A 38 -5.82 -1.88 0.11
C CYS A 38 -7.27 -1.92 -0.45
N GLU A 39 -7.42 -1.64 -1.76
CA GLU A 39 -8.75 -1.53 -2.41
C GLU A 39 -9.37 -2.91 -2.67
N ALA A 1 13.63 -15.26 2.72
CA ALA A 1 12.29 -15.04 3.30
C ALA A 1 11.52 -13.92 2.55
N PRO A 2 10.19 -14.03 2.23
CA PRO A 2 9.45 -13.00 1.45
C PRO A 2 9.08 -11.75 2.31
N ARG A 3 9.61 -10.59 1.91
CA ARG A 3 9.43 -9.31 2.63
C ARG A 3 9.05 -8.23 1.59
N LEU A 4 7.83 -7.69 1.70
CA LEU A 4 7.29 -6.69 0.75
C LEU A 4 7.75 -5.25 1.12
N PRO A 5 8.31 -4.40 0.20
CA PRO A 5 8.51 -2.94 0.42
C PRO A 5 7.26 -2.14 0.86
N GLN A 6 7.42 -0.91 1.39
CA GLN A 6 6.29 -0.02 1.71
C GLN A 6 5.94 0.87 0.48
N CYS A 7 4.63 0.97 0.21
CA CYS A 7 4.07 1.78 -0.91
C CYS A 7 4.19 3.31 -0.67
N GLN A 8 4.24 4.05 -1.80
CA GLN A 8 4.18 5.54 -1.83
C GLN A 8 2.85 6.10 -2.41
N GLY A 9 2.36 5.57 -3.55
CA GLY A 9 1.11 6.07 -4.19
C GLY A 9 0.97 5.49 -5.61
N ASP A 10 0.22 4.37 -5.74
CA ASP A 10 0.03 3.63 -7.03
C ASP A 10 1.39 3.05 -7.56
N ASP A 11 1.77 1.87 -7.05
CA ASP A 11 3.14 1.31 -7.24
C ASP A 11 3.19 0.20 -8.33
N GLN A 12 4.40 -0.04 -8.86
CA GLN A 12 4.66 -1.13 -9.84
C GLN A 12 4.75 -2.56 -9.23
N GLU A 13 5.28 -2.75 -8.00
CA GLU A 13 5.44 -4.09 -7.36
C GLU A 13 4.50 -4.22 -6.11
N LYS A 14 4.35 -5.47 -5.63
CA LYS A 14 3.49 -5.80 -4.45
C LYS A 14 4.15 -5.26 -3.14
N CYS A 15 3.34 -4.62 -2.29
CA CYS A 15 3.84 -3.77 -1.18
C CYS A 15 2.92 -3.83 0.07
N LEU A 16 3.45 -3.34 1.20
CA LEU A 16 2.65 -3.00 2.40
C LEU A 16 1.88 -1.67 2.19
N CYS A 17 0.58 -1.69 2.52
CA CYS A 17 -0.29 -0.49 2.47
C CYS A 17 -0.70 -0.16 3.91
N ASN A 18 0.12 0.69 4.58
CA ASN A 18 0.12 0.88 6.07
C ASN A 18 0.74 -0.37 6.76
N LYS A 19 -0.08 -1.42 6.97
CA LYS A 19 0.41 -2.79 7.30
C LYS A 19 -0.47 -3.90 6.61
N ASP A 20 -0.73 -3.78 5.29
CA ASP A 20 -1.67 -4.67 4.56
C ASP A 20 -0.99 -5.10 3.24
N GLU A 21 -0.74 -6.41 3.06
CA GLU A 21 -0.04 -6.95 1.87
C GLU A 21 -0.93 -6.87 0.60
N CYS A 22 -0.53 -6.02 -0.36
CA CYS A 22 -1.46 -5.40 -1.34
C CYS A 22 -0.91 -5.49 -2.79
N PRO A 23 -1.67 -5.97 -3.83
CA PRO A 23 -1.22 -5.95 -5.25
C PRO A 23 -0.85 -4.55 -5.87
N PRO A 24 -0.01 -4.45 -6.94
CA PRO A 24 0.29 -3.17 -7.65
C PRO A 24 -0.91 -2.29 -8.08
N GLY A 25 -0.82 -0.98 -7.81
CA GLY A 25 -1.93 -0.03 -8.09
C GLY A 25 -2.99 0.14 -6.98
N GLN A 26 -3.43 -0.97 -6.35
CA GLN A 26 -4.50 -0.99 -5.32
C GLN A 26 -4.22 -0.22 -3.98
N CYS A 27 -2.97 0.10 -3.61
CA CYS A 27 -2.67 0.86 -2.37
C CYS A 27 -3.01 2.37 -2.53
N ARG A 28 -4.03 2.80 -1.78
CA ARG A 28 -4.60 4.18 -1.86
C ARG A 28 -4.32 4.96 -0.56
N PHE A 29 -4.07 6.28 -0.70
CA PHE A 29 -3.50 7.13 0.39
C PHE A 29 -4.50 8.29 0.69
N PRO A 30 -5.46 8.19 1.67
CA PRO A 30 -6.42 9.29 1.98
C PRO A 30 -5.83 10.38 2.93
N ARG A 31 -6.40 11.59 2.81
CA ARG A 31 -5.85 12.82 3.44
C ARG A 31 -6.20 12.97 4.96
N GLY A 32 -5.56 13.95 5.62
CA GLY A 32 -5.91 14.39 6.98
C GLY A 32 -5.40 13.45 8.09
N ASP A 33 -6.33 12.77 8.77
CA ASP A 33 -6.00 11.65 9.69
C ASP A 33 -6.79 10.39 9.23
N ALA A 34 -6.37 9.81 8.08
CA ALA A 34 -6.91 8.53 7.56
C ALA A 34 -5.73 7.71 6.99
N ASP A 35 -5.63 6.46 7.45
CA ASP A 35 -4.47 5.57 7.17
C ASP A 35 -4.53 4.91 5.75
N PRO A 36 -3.39 4.63 5.03
CA PRO A 36 -3.41 3.93 3.72
C PRO A 36 -4.07 2.52 3.70
N TYR A 37 -4.96 2.30 2.72
CA TYR A 37 -5.80 1.08 2.63
C TYR A 37 -5.58 0.35 1.28
N CYS A 38 -5.60 -1.00 1.33
CA CYS A 38 -5.66 -1.84 0.11
C CYS A 38 -7.13 -2.00 -0.33
N GLU A 39 -7.47 -1.51 -1.54
CA GLU A 39 -8.89 -1.43 -2.01
C GLU A 39 -9.44 -2.81 -2.47
N ALA A 1 4.85 -16.58 2.71
CA ALA A 1 4.88 -15.21 3.29
C ALA A 1 5.92 -14.34 2.51
N PRO A 2 5.55 -13.41 1.59
CA PRO A 2 6.54 -12.63 0.79
C PRO A 2 7.16 -11.44 1.57
N ARG A 3 8.45 -11.15 1.28
CA ARG A 3 9.20 -10.03 1.91
C ARG A 3 8.99 -8.75 1.04
N LEU A 4 8.05 -7.90 1.48
CA LEU A 4 7.51 -6.80 0.64
C LEU A 4 8.03 -5.41 1.13
N PRO A 5 8.48 -4.46 0.26
CA PRO A 5 8.68 -3.02 0.63
C PRO A 5 7.46 -2.29 1.23
N GLN A 6 7.63 -1.02 1.63
CA GLN A 6 6.50 -0.14 2.05
C GLN A 6 6.01 0.68 0.82
N CYS A 7 4.68 0.81 0.74
CA CYS A 7 3.98 1.52 -0.37
C CYS A 7 4.23 3.05 -0.35
N GLN A 8 4.28 3.66 -1.56
CA GLN A 8 4.56 5.10 -1.75
C GLN A 8 3.29 5.86 -2.24
N GLY A 9 2.69 5.50 -3.40
CA GLY A 9 1.48 6.18 -3.92
C GLY A 9 0.92 5.47 -5.14
N ASP A 10 0.11 4.40 -4.94
CA ASP A 10 -0.47 3.54 -6.02
C ASP A 10 0.66 2.89 -6.89
N ASP A 11 1.19 1.75 -6.41
CA ASP A 11 2.59 1.35 -6.71
C ASP A 11 2.76 0.57 -8.05
N GLN A 12 4.02 0.47 -8.48
CA GLN A 12 4.44 -0.38 -9.63
C GLN A 12 4.60 -1.90 -9.28
N GLU A 13 5.17 -2.26 -8.11
CA GLU A 13 5.22 -3.67 -7.61
C GLU A 13 4.54 -3.80 -6.21
N LYS A 14 4.39 -5.05 -5.73
CA LYS A 14 3.64 -5.38 -4.48
C LYS A 14 4.36 -4.86 -3.20
N CYS A 15 3.58 -4.29 -2.27
CA CYS A 15 4.10 -3.53 -1.10
C CYS A 15 3.05 -3.49 0.06
N LEU A 16 3.51 -3.06 1.24
CA LEU A 16 2.68 -2.89 2.46
C LEU A 16 1.87 -1.57 2.40
N CYS A 17 0.52 -1.69 2.34
CA CYS A 17 -0.39 -0.52 2.33
C CYS A 17 -0.80 -0.19 3.79
N ASN A 18 0.08 0.58 4.48
CA ASN A 18 0.13 0.70 5.97
C ASN A 18 0.66 -0.63 6.60
N LYS A 19 -0.24 -1.61 6.79
CA LYS A 19 0.09 -2.99 7.23
C LYS A 19 -0.29 -4.11 6.19
N ASP A 20 -1.22 -3.87 5.25
CA ASP A 20 -1.82 -4.93 4.39
C ASP A 20 -0.90 -5.26 3.18
N GLU A 21 -0.60 -6.56 2.98
CA GLU A 21 0.21 -7.03 1.83
C GLU A 21 -0.62 -6.96 0.52
N CYS A 22 -0.36 -5.90 -0.27
CA CYS A 22 -1.35 -5.35 -1.23
C CYS A 22 -0.79 -5.35 -2.69
N PRO A 23 -1.44 -5.97 -3.72
CA PRO A 23 -1.00 -5.89 -5.13
C PRO A 23 -0.84 -4.45 -5.74
N PRO A 24 0.02 -4.21 -6.77
CA PRO A 24 0.29 -2.84 -7.29
C PRO A 24 -0.91 -2.17 -8.03
N GLY A 25 -1.14 -0.88 -7.74
CA GLY A 25 -2.37 -0.17 -8.17
C GLY A 25 -3.43 -0.04 -7.05
N GLN A 26 -3.84 -1.17 -6.45
CA GLN A 26 -4.85 -1.24 -5.35
C GLN A 26 -4.57 -0.38 -4.07
N CYS A 27 -3.31 -0.10 -3.69
CA CYS A 27 -2.98 0.69 -2.46
C CYS A 27 -3.36 2.20 -2.60
N ARG A 28 -4.42 2.58 -1.87
CA ARG A 28 -4.96 3.98 -1.88
C ARG A 28 -4.38 4.78 -0.69
N PHE A 29 -4.23 6.11 -0.89
CA PHE A 29 -3.61 7.02 0.11
C PHE A 29 -4.63 8.17 0.43
N PRO A 30 -5.53 8.07 1.47
CA PRO A 30 -6.49 9.15 1.81
C PRO A 30 -5.86 10.31 2.65
N ARG A 31 -6.46 11.51 2.52
CA ARG A 31 -5.90 12.77 3.05
C ARG A 31 -6.12 12.96 4.59
N GLY A 32 -5.38 13.92 5.18
CA GLY A 32 -5.58 14.36 6.57
C GLY A 32 -4.97 13.43 7.63
N ASP A 33 -5.82 12.96 8.55
CA ASP A 33 -5.48 11.85 9.47
C ASP A 33 -6.30 10.59 9.08
N ALA A 34 -6.00 10.04 7.89
CA ALA A 34 -6.57 8.77 7.39
C ALA A 34 -5.42 7.90 6.83
N ASP A 35 -5.38 6.64 7.29
CA ASP A 35 -4.26 5.70 7.02
C ASP A 35 -4.43 4.96 5.63
N PRO A 36 -3.34 4.59 4.89
CA PRO A 36 -3.44 3.83 3.61
C PRO A 36 -4.15 2.44 3.69
N TYR A 37 -5.03 2.19 2.72
CA TYR A 37 -5.89 0.96 2.69
C TYR A 37 -5.77 0.25 1.31
N CYS A 38 -5.82 -1.10 1.33
CA CYS A 38 -5.79 -1.93 0.10
C CYS A 38 -7.22 -2.11 -0.47
N GLU A 39 -7.48 -1.50 -1.64
CA GLU A 39 -8.80 -1.57 -2.32
C GLU A 39 -8.76 -2.71 -3.36
N ALA A 1 13.44 -15.97 1.12
CA ALA A 1 12.36 -15.44 1.98
C ALA A 1 11.72 -14.18 1.32
N PRO A 2 10.43 -14.16 0.88
CA PRO A 2 9.79 -12.94 0.28
C PRO A 2 9.67 -11.73 1.26
N ARG A 3 10.28 -10.60 0.86
CA ARG A 3 10.32 -9.36 1.67
C ARG A 3 9.68 -8.22 0.84
N LEU A 4 8.48 -7.78 1.26
CA LEU A 4 7.71 -6.73 0.55
C LEU A 4 8.14 -5.30 1.00
N PRO A 5 8.43 -4.32 0.10
CA PRO A 5 8.58 -2.88 0.47
C PRO A 5 7.37 -2.23 1.21
N GLN A 6 7.53 -0.98 1.66
CA GLN A 6 6.39 -0.12 2.09
C GLN A 6 5.89 0.71 0.87
N CYS A 7 4.56 0.81 0.77
CA CYS A 7 3.88 1.47 -0.37
C CYS A 7 4.11 3.02 -0.40
N GLN A 8 4.05 3.59 -1.62
CA GLN A 8 4.30 5.03 -1.88
C GLN A 8 3.01 5.76 -2.39
N GLY A 9 2.41 5.34 -3.53
CA GLY A 9 1.22 5.99 -4.08
C GLY A 9 0.86 5.41 -5.46
N ASP A 10 -0.01 4.38 -5.49
CA ASP A 10 -0.37 3.61 -6.72
C ASP A 10 0.89 2.90 -7.31
N ASP A 11 1.21 1.71 -6.78
CA ASP A 11 2.60 1.18 -6.81
C ASP A 11 2.91 0.33 -8.08
N GLN A 12 4.22 0.24 -8.38
CA GLN A 12 4.77 -0.65 -9.45
C GLN A 12 4.95 -2.14 -9.01
N GLU A 13 5.37 -2.42 -7.75
CA GLU A 13 5.48 -3.82 -7.21
C GLU A 13 4.57 -3.96 -5.94
N LYS A 14 4.34 -5.23 -5.54
CA LYS A 14 3.53 -5.59 -4.34
C LYS A 14 4.22 -5.09 -3.03
N CYS A 15 3.45 -4.36 -2.20
CA CYS A 15 4.00 -3.63 -1.02
C CYS A 15 2.96 -3.57 0.14
N LEU A 16 3.46 -3.19 1.33
CA LEU A 16 2.65 -3.02 2.56
C LEU A 16 1.83 -1.69 2.47
N CYS A 17 0.49 -1.80 2.44
CA CYS A 17 -0.42 -0.62 2.42
C CYS A 17 -0.80 -0.26 3.88
N ASN A 18 0.06 0.56 4.51
CA ASN A 18 0.13 0.76 5.99
C ASN A 18 0.75 -0.51 6.66
N LYS A 19 -0.07 -1.53 6.91
CA LYS A 19 0.34 -2.87 7.41
C LYS A 19 -0.07 -4.06 6.46
N ASP A 20 -1.07 -3.91 5.58
CA ASP A 20 -1.70 -5.06 4.86
C ASP A 20 -1.13 -5.16 3.42
N GLU A 21 -0.60 -6.35 3.07
CA GLU A 21 0.01 -6.62 1.74
C GLU A 21 -0.99 -6.47 0.55
N CYS A 22 -0.59 -5.68 -0.45
CA CYS A 22 -1.52 -5.12 -1.47
C CYS A 22 -0.82 -5.11 -2.86
N PRO A 23 -1.32 -5.80 -3.94
CA PRO A 23 -0.66 -5.76 -5.27
C PRO A 23 -0.71 -4.39 -6.05
N PRO A 24 0.11 -4.17 -7.10
CA PRO A 24 0.15 -2.91 -7.90
C PRO A 24 -1.18 -2.25 -8.32
N GLY A 25 -1.26 -0.92 -8.16
CA GLY A 25 -2.51 -0.16 -8.38
C GLY A 25 -3.39 0.05 -7.12
N GLN A 26 -3.75 -1.05 -6.43
CA GLN A 26 -4.76 -1.06 -5.34
C GLN A 26 -4.42 -0.24 -4.05
N CYS A 27 -3.16 0.05 -3.69
CA CYS A 27 -2.84 0.79 -2.44
C CYS A 27 -3.18 2.30 -2.54
N ARG A 28 -4.26 2.69 -1.83
CA ARG A 28 -4.81 4.07 -1.84
C ARG A 28 -4.30 4.87 -0.61
N PHE A 29 -4.19 6.21 -0.77
CA PHE A 29 -3.57 7.09 0.25
C PHE A 29 -4.59 8.24 0.58
N PRO A 30 -5.53 8.10 1.56
CA PRO A 30 -6.48 9.18 1.93
C PRO A 30 -5.85 10.29 2.83
N ARG A 31 -6.43 11.50 2.74
CA ARG A 31 -5.82 12.74 3.26
C ARG A 31 -6.08 12.98 4.80
N GLY A 32 -5.38 13.97 5.36
CA GLY A 32 -5.63 14.47 6.73
C GLY A 32 -5.05 13.56 7.83
N ASP A 33 -5.95 12.90 8.58
CA ASP A 33 -5.58 11.80 9.50
C ASP A 33 -6.40 10.53 9.10
N ALA A 34 -6.03 9.94 7.95
CA ALA A 34 -6.62 8.66 7.47
C ALA A 34 -5.48 7.79 6.89
N ASP A 35 -5.44 6.53 7.33
CA ASP A 35 -4.31 5.60 7.06
C ASP A 35 -4.43 4.90 5.65
N PRO A 36 -3.33 4.55 4.93
CA PRO A 36 -3.39 3.82 3.62
C PRO A 36 -4.10 2.44 3.66
N TYR A 37 -5.05 2.25 2.73
CA TYR A 37 -5.89 1.02 2.66
C TYR A 37 -5.71 0.31 1.29
N CYS A 38 -5.79 -1.03 1.30
CA CYS A 38 -5.81 -1.85 0.06
C CYS A 38 -7.25 -1.92 -0.52
N GLU A 39 -7.39 -1.67 -1.84
CA GLU A 39 -8.69 -1.60 -2.53
C GLU A 39 -9.20 -3.02 -2.89
N ALA A 1 9.04 -17.16 0.99
CA ALA A 1 8.58 -16.00 1.78
C ALA A 1 8.89 -14.68 1.01
N PRO A 2 7.91 -13.91 0.44
CA PRO A 2 8.21 -12.69 -0.35
C PRO A 2 8.52 -11.46 0.54
N ARG A 3 9.70 -10.84 0.31
CA ARG A 3 10.16 -9.65 1.06
C ARG A 3 9.60 -8.36 0.39
N LEU A 4 8.50 -7.83 0.97
CA LEU A 4 7.70 -6.77 0.33
C LEU A 4 8.18 -5.34 0.77
N PRO A 5 8.44 -4.36 -0.14
CA PRO A 5 8.62 -2.92 0.23
C PRO A 5 7.45 -2.25 1.00
N GLN A 6 7.61 -0.97 1.36
CA GLN A 6 6.50 -0.11 1.84
C GLN A 6 5.91 0.66 0.62
N CYS A 7 4.57 0.69 0.55
CA CYS A 7 3.82 1.37 -0.54
C CYS A 7 3.99 2.92 -0.50
N GLN A 8 3.91 3.53 -1.70
CA GLN A 8 3.99 5.01 -1.88
C GLN A 8 2.66 5.60 -2.44
N GLY A 9 2.05 4.99 -3.48
CA GLY A 9 0.77 5.47 -4.06
C GLY A 9 0.67 5.01 -5.52
N ASP A 10 -0.21 4.02 -5.78
CA ASP A 10 -0.33 3.29 -7.08
C ASP A 10 1.04 2.73 -7.59
N ASP A 11 1.41 1.55 -7.07
CA ASP A 11 2.82 1.07 -7.07
C ASP A 11 3.17 0.21 -8.32
N GLN A 12 4.49 0.01 -8.53
CA GLN A 12 5.03 -0.92 -9.55
C GLN A 12 4.97 -2.42 -9.11
N GLU A 13 5.41 -2.77 -7.87
CA GLU A 13 5.34 -4.14 -7.31
C GLU A 13 4.36 -4.24 -6.09
N LYS A 14 4.22 -5.47 -5.58
CA LYS A 14 3.43 -5.77 -4.35
C LYS A 14 4.16 -5.24 -3.08
N CYS A 15 3.43 -4.48 -2.25
CA CYS A 15 4.00 -3.70 -1.12
C CYS A 15 3.00 -3.61 0.08
N LEU A 16 3.52 -3.12 1.22
CA LEU A 16 2.75 -2.94 2.48
C LEU A 16 1.90 -1.64 2.42
N CYS A 17 0.56 -1.80 2.39
CA CYS A 17 -0.39 -0.66 2.41
C CYS A 17 -0.83 -0.43 3.88
N ASN A 18 -0.24 0.61 4.52
CA ASN A 18 -0.27 0.83 5.99
C ASN A 18 0.73 -0.18 6.65
N LYS A 19 0.24 -1.38 6.98
CA LYS A 19 1.07 -2.57 7.36
C LYS A 19 0.43 -3.90 6.86
N ASP A 20 -0.07 -3.96 5.60
CA ASP A 20 -0.92 -5.07 5.11
C ASP A 20 -0.60 -5.31 3.61
N GLU A 21 -0.23 -6.55 3.25
CA GLU A 21 0.19 -6.91 1.86
C GLU A 21 -0.91 -6.65 0.78
N CYS A 22 -0.51 -5.94 -0.29
CA CYS A 22 -1.46 -5.33 -1.26
C CYS A 22 -0.85 -5.36 -2.69
N PRO A 23 -1.50 -5.94 -3.75
CA PRO A 23 -0.96 -5.90 -5.15
C PRO A 23 -0.73 -4.48 -5.77
N PRO A 24 0.09 -4.30 -6.86
CA PRO A 24 0.41 -2.96 -7.42
C PRO A 24 -0.80 -2.20 -8.03
N GLY A 25 -0.88 -0.88 -7.74
CA GLY A 25 -2.02 -0.04 -8.15
C GLY A 25 -3.08 0.23 -7.05
N GLN A 26 -3.57 -0.84 -6.39
CA GLN A 26 -4.64 -0.77 -5.35
C GLN A 26 -4.37 0.13 -4.09
N CYS A 27 -3.12 0.34 -3.64
CA CYS A 27 -2.83 1.06 -2.38
C CYS A 27 -3.09 2.58 -2.49
N ARG A 28 -4.14 3.04 -1.79
CA ARG A 28 -4.60 4.46 -1.79
C ARG A 28 -4.22 5.13 -0.45
N PHE A 29 -3.96 6.46 -0.52
CA PHE A 29 -3.42 7.23 0.65
C PHE A 29 -4.38 8.44 0.90
N PRO A 30 -5.49 8.32 1.69
CA PRO A 30 -6.41 9.46 1.97
C PRO A 30 -5.82 10.48 3.00
N ARG A 31 -6.23 11.75 2.84
CA ARG A 31 -5.57 12.92 3.49
C ARG A 31 -6.00 13.13 4.99
N GLY A 32 -5.33 14.09 5.65
CA GLY A 32 -5.69 14.54 7.01
C GLY A 32 -5.20 13.58 8.11
N ASP A 33 -6.16 12.88 8.74
CA ASP A 33 -5.86 11.72 9.62
C ASP A 33 -6.74 10.52 9.15
N ALA A 34 -6.38 9.94 7.99
CA ALA A 34 -7.03 8.72 7.45
C ALA A 34 -5.92 7.76 6.93
N ASP A 35 -6.01 6.51 7.41
CA ASP A 35 -4.96 5.47 7.17
C ASP A 35 -4.98 4.88 5.71
N PRO A 36 -3.84 4.39 5.13
CA PRO A 36 -3.81 3.79 3.78
C PRO A 36 -4.61 2.45 3.65
N TYR A 37 -5.43 2.35 2.60
CA TYR A 37 -6.32 1.18 2.37
C TYR A 37 -5.98 0.47 1.03
N CYS A 38 -5.98 -0.88 1.05
CA CYS A 38 -5.85 -1.71 -0.17
C CYS A 38 -7.26 -1.86 -0.83
N GLU A 39 -7.38 -1.35 -2.07
CA GLU A 39 -8.69 -1.16 -2.73
C GLU A 39 -9.14 -2.47 -3.43
N ALA A 1 12.12 -16.14 2.50
CA ALA A 1 10.79 -15.50 2.52
C ALA A 1 10.81 -14.12 1.78
N PRO A 2 9.80 -13.73 0.94
CA PRO A 2 9.83 -12.45 0.18
C PRO A 2 9.51 -11.22 1.07
N ARG A 3 10.47 -10.27 1.12
CA ARG A 3 10.33 -9.02 1.91
C ARG A 3 9.69 -7.93 1.00
N LEU A 4 8.42 -7.61 1.30
CA LEU A 4 7.65 -6.59 0.57
C LEU A 4 8.06 -5.14 0.99
N PRO A 5 8.36 -4.18 0.07
CA PRO A 5 8.53 -2.74 0.41
C PRO A 5 7.33 -2.06 1.14
N GLN A 6 7.50 -0.81 1.57
CA GLN A 6 6.37 0.05 2.02
C GLN A 6 5.86 0.87 0.80
N CYS A 7 4.52 0.94 0.70
CA CYS A 7 3.82 1.57 -0.44
C CYS A 7 4.02 3.11 -0.53
N GLN A 8 3.92 3.64 -1.76
CA GLN A 8 4.05 5.08 -2.09
C GLN A 8 2.69 5.69 -2.56
N GLY A 9 2.03 5.09 -3.58
CA GLY A 9 0.74 5.58 -4.10
C GLY A 9 0.60 5.17 -5.58
N ASP A 10 -0.19 4.11 -5.82
CA ASP A 10 -0.28 3.38 -7.12
C ASP A 10 1.10 2.80 -7.53
N ASP A 11 1.41 1.60 -7.01
CA ASP A 11 2.80 1.06 -6.97
C ASP A 11 3.12 0.16 -8.20
N GLN A 12 4.42 0.02 -8.45
CA GLN A 12 4.97 -0.94 -9.46
C GLN A 12 5.00 -2.41 -8.97
N GLU A 13 5.45 -2.67 -7.72
CA GLU A 13 5.49 -4.04 -7.11
C GLU A 13 4.47 -4.14 -5.93
N LYS A 14 4.27 -5.38 -5.43
CA LYS A 14 3.43 -5.67 -4.24
C LYS A 14 4.12 -5.11 -2.95
N CYS A 15 3.37 -4.32 -2.17
CA CYS A 15 3.94 -3.56 -1.01
C CYS A 15 2.93 -3.51 0.17
N LEU A 16 3.45 -3.07 1.33
CA LEU A 16 2.66 -2.87 2.58
C LEU A 16 1.83 -1.57 2.49
N CYS A 17 0.50 -1.70 2.44
CA CYS A 17 -0.44 -0.55 2.47
C CYS A 17 -0.86 -0.34 3.95
N ASN A 18 -0.15 0.59 4.63
CA ASN A 18 -0.14 0.74 6.11
C ASN A 18 0.62 -0.46 6.76
N LYS A 19 -0.11 -1.57 7.00
CA LYS A 19 0.47 -2.88 7.37
C LYS A 19 -0.41 -4.03 6.77
N ASP A 20 -0.60 -4.03 5.43
CA ASP A 20 -1.49 -4.99 4.73
C ASP A 20 -0.89 -5.24 3.33
N GLU A 21 -0.52 -6.51 3.01
CA GLU A 21 0.06 -6.88 1.69
C GLU A 21 -0.94 -6.67 0.52
N CYS A 22 -0.55 -5.80 -0.44
CA CYS A 22 -1.50 -5.20 -1.41
C CYS A 22 -0.90 -5.25 -2.84
N PRO A 23 -1.57 -5.81 -3.90
CA PRO A 23 -1.05 -5.81 -5.29
C PRO A 23 -0.76 -4.41 -5.94
N PRO A 24 0.09 -4.28 -7.00
CA PRO A 24 0.32 -3.00 -7.74
C PRO A 24 -0.92 -2.19 -8.18
N GLY A 25 -0.90 -0.87 -7.92
CA GLY A 25 -2.05 0.03 -8.21
C GLY A 25 -3.08 0.21 -7.07
N GLN A 26 -3.52 -0.90 -6.45
CA GLN A 26 -4.58 -0.90 -5.39
C GLN A 26 -4.30 -0.09 -4.08
N CYS A 27 -3.05 0.21 -3.68
CA CYS A 27 -2.78 0.95 -2.41
C CYS A 27 -3.14 2.45 -2.53
N ARG A 28 -4.23 2.83 -1.82
CA ARG A 28 -4.81 4.20 -1.84
C ARG A 28 -4.34 5.00 -0.60
N PHE A 29 -4.16 6.32 -0.76
CA PHE A 29 -3.62 7.20 0.31
C PHE A 29 -4.65 8.34 0.61
N PRO A 30 -5.60 8.21 1.57
CA PRO A 30 -6.58 9.28 1.91
C PRO A 30 -5.98 10.40 2.84
N ARG A 31 -6.55 11.61 2.73
CA ARG A 31 -5.98 12.84 3.35
C ARG A 31 -6.14 12.94 4.90
N GLY A 32 -5.38 13.86 5.51
CA GLY A 32 -5.53 14.23 6.93
C GLY A 32 -4.91 13.22 7.91
N ASP A 33 -5.74 12.75 8.85
CA ASP A 33 -5.39 11.59 9.72
C ASP A 33 -6.25 10.35 9.30
N ALA A 34 -6.00 9.85 8.06
CA ALA A 34 -6.62 8.62 7.53
C ALA A 34 -5.50 7.74 6.92
N ASP A 35 -5.42 6.49 7.41
CA ASP A 35 -4.32 5.55 7.08
C ASP A 35 -4.48 4.89 5.67
N PRO A 36 -3.39 4.52 4.93
CA PRO A 36 -3.49 3.97 3.56
C PRO A 36 -4.04 2.51 3.50
N TYR A 37 -5.08 2.33 2.68
CA TYR A 37 -5.87 1.07 2.59
C TYR A 37 -5.69 0.39 1.21
N CYS A 38 -5.71 -0.95 1.20
CA CYS A 38 -5.75 -1.75 -0.06
C CYS A 38 -7.20 -1.82 -0.62
N GLU A 39 -7.37 -1.57 -1.93
CA GLU A 39 -8.70 -1.41 -2.55
C GLU A 39 -9.35 -2.78 -2.84
N ALA A 1 6.38 -16.72 2.85
CA ALA A 1 5.88 -15.38 3.20
C ALA A 1 6.65 -14.30 2.37
N PRO A 2 6.03 -13.55 1.40
CA PRO A 2 6.74 -12.50 0.60
C PRO A 2 7.36 -11.33 1.42
N ARG A 3 8.60 -10.94 1.08
CA ARG A 3 9.32 -9.82 1.72
C ARG A 3 9.00 -8.51 0.93
N LEU A 4 8.04 -7.73 1.44
CA LEU A 4 7.41 -6.62 0.68
C LEU A 4 7.88 -5.23 1.22
N PRO A 5 8.32 -4.25 0.38
CA PRO A 5 8.48 -2.82 0.79
C PRO A 5 7.20 -2.14 1.37
N GLN A 6 7.34 -0.90 1.89
CA GLN A 6 6.19 -0.01 2.17
C GLN A 6 5.67 0.64 0.86
N CYS A 7 4.34 0.82 0.79
CA CYS A 7 3.67 1.47 -0.36
C CYS A 7 3.95 3.00 -0.45
N GLN A 8 3.91 3.52 -1.68
CA GLN A 8 4.23 4.95 -1.99
C GLN A 8 2.94 5.70 -2.46
N GLY A 9 2.32 5.29 -3.58
CA GLY A 9 1.10 5.96 -4.11
C GLY A 9 0.82 5.46 -5.53
N ASP A 10 0.00 4.38 -5.65
CA ASP A 10 -0.23 3.63 -6.93
C ASP A 10 1.10 2.99 -7.43
N ASP A 11 1.42 1.79 -6.91
CA ASP A 11 2.81 1.24 -6.94
C ASP A 11 3.09 0.40 -8.23
N GLN A 12 4.40 0.29 -8.53
CA GLN A 12 4.92 -0.65 -9.57
C GLN A 12 4.97 -2.13 -9.08
N GLU A 13 5.46 -2.42 -7.86
CA GLU A 13 5.48 -3.78 -7.26
C GLU A 13 4.43 -3.95 -6.11
N LYS A 14 4.33 -5.20 -5.62
CA LYS A 14 3.50 -5.54 -4.43
C LYS A 14 4.17 -4.98 -3.13
N CYS A 15 3.36 -4.31 -2.29
CA CYS A 15 3.86 -3.52 -1.13
C CYS A 15 2.84 -3.54 0.05
N LEU A 16 3.30 -3.05 1.21
CA LEU A 16 2.52 -3.01 2.47
C LEU A 16 1.72 -1.68 2.55
N CYS A 17 0.39 -1.79 2.39
CA CYS A 17 -0.54 -0.63 2.42
C CYS A 17 -1.02 -0.45 3.88
N ASN A 18 -0.51 0.62 4.54
CA ASN A 18 -0.50 0.76 6.02
C ASN A 18 0.58 -0.20 6.60
N LYS A 19 0.16 -1.43 6.92
CA LYS A 19 1.07 -2.58 7.22
C LYS A 19 0.44 -3.94 6.73
N ASP A 20 -0.10 -3.98 5.50
CA ASP A 20 -0.97 -5.10 5.02
C ASP A 20 -0.68 -5.35 3.52
N GLU A 21 -0.33 -6.60 3.15
CA GLU A 21 0.07 -6.98 1.76
C GLU A 21 -1.04 -6.70 0.69
N CYS A 22 -0.64 -5.96 -0.36
CA CYS A 22 -1.59 -5.34 -1.32
C CYS A 22 -1.00 -5.34 -2.76
N PRO A 23 -1.71 -5.78 -3.85
CA PRO A 23 -1.19 -5.74 -5.24
C PRO A 23 -0.78 -4.34 -5.81
N PRO A 24 0.09 -4.22 -6.87
CA PRO A 24 0.49 -2.91 -7.46
C PRO A 24 -0.70 -2.13 -8.12
N GLY A 25 -0.80 -0.83 -7.78
CA GLY A 25 -1.94 0.00 -8.19
C GLY A 25 -3.01 0.22 -7.10
N GLN A 26 -3.54 -0.88 -6.53
CA GLN A 26 -4.67 -0.85 -5.56
C GLN A 26 -4.41 -0.24 -4.14
N CYS A 27 -3.17 0.13 -3.74
CA CYS A 27 -2.92 0.84 -2.46
C CYS A 27 -3.27 2.35 -2.59
N ARG A 28 -4.33 2.74 -1.87
CA ARG A 28 -4.95 4.09 -1.96
C ARG A 28 -4.64 4.91 -0.69
N PHE A 29 -4.36 6.21 -0.86
CA PHE A 29 -3.81 7.07 0.22
C PHE A 29 -4.83 8.20 0.57
N PRO A 30 -5.73 8.07 1.60
CA PRO A 30 -6.65 9.16 2.01
C PRO A 30 -5.98 10.29 2.84
N ARG A 31 -6.55 11.51 2.73
CA ARG A 31 -5.93 12.75 3.29
C ARG A 31 -6.04 12.91 4.83
N GLY A 32 -5.34 13.95 5.36
CA GLY A 32 -5.50 14.39 6.76
C GLY A 32 -4.78 13.49 7.79
N ASP A 33 -5.58 12.79 8.60
CA ASP A 33 -5.07 11.68 9.46
C ASP A 33 -5.94 10.42 9.16
N ALA A 34 -5.71 9.81 7.98
CA ALA A 34 -6.36 8.55 7.56
C ALA A 34 -5.28 7.65 6.89
N ASP A 35 -5.24 6.38 7.32
CA ASP A 35 -4.15 5.43 6.95
C ASP A 35 -4.37 4.77 5.55
N PRO A 36 -3.32 4.33 4.79
CA PRO A 36 -3.47 3.74 3.43
C PRO A 36 -4.25 2.40 3.40
N TYR A 37 -5.37 2.36 2.65
CA TYR A 37 -6.24 1.16 2.54
C TYR A 37 -5.97 0.39 1.22
N CYS A 38 -5.95 -0.95 1.30
CA CYS A 38 -5.89 -1.82 0.10
C CYS A 38 -7.31 -2.00 -0.50
N GLU A 39 -7.47 -1.61 -1.78
CA GLU A 39 -8.77 -1.63 -2.49
C GLU A 39 -9.10 -3.05 -2.99
N ALA A 1 4.81 -15.40 5.62
CA ALA A 1 4.44 -14.08 5.09
C ALA A 1 5.46 -13.57 4.02
N PRO A 2 5.06 -12.90 2.89
CA PRO A 2 6.01 -12.44 1.83
C PRO A 2 6.87 -11.20 2.24
N ARG A 3 8.08 -11.11 1.68
CA ARG A 3 9.03 -9.99 1.94
C ARG A 3 8.74 -8.83 0.95
N LEU A 4 7.96 -7.84 1.42
CA LEU A 4 7.39 -6.77 0.56
C LEU A 4 7.95 -5.37 0.96
N PRO A 5 8.36 -4.47 0.01
CA PRO A 5 8.57 -3.02 0.30
C PRO A 5 7.37 -2.27 0.94
N GLN A 6 7.57 -1.01 1.36
CA GLN A 6 6.48 -0.12 1.82
C GLN A 6 5.92 0.69 0.62
N CYS A 7 4.58 0.80 0.59
CA CYS A 7 3.84 1.49 -0.52
C CYS A 7 4.09 3.02 -0.54
N GLN A 8 4.03 3.59 -1.77
CA GLN A 8 4.22 5.05 -2.00
C GLN A 8 2.90 5.71 -2.51
N GLY A 9 2.30 5.23 -3.61
CA GLY A 9 1.01 5.75 -4.12
C GLY A 9 0.78 5.28 -5.56
N ASP A 10 -0.05 4.24 -5.71
CA ASP A 10 -0.29 3.50 -6.99
C ASP A 10 1.04 2.86 -7.50
N ASP A 11 1.39 1.68 -6.97
CA ASP A 11 2.78 1.16 -6.99
C ASP A 11 3.10 0.30 -8.25
N GLN A 12 4.41 0.16 -8.53
CA GLN A 12 4.95 -0.82 -9.51
C GLN A 12 5.07 -2.27 -8.94
N GLU A 13 5.53 -2.46 -7.69
CA GLU A 13 5.62 -3.80 -7.02
C GLU A 13 4.45 -4.01 -6.02
N LYS A 14 4.31 -5.27 -5.55
CA LYS A 14 3.45 -5.61 -4.39
C LYS A 14 4.12 -5.10 -3.07
N CYS A 15 3.35 -4.38 -2.26
CA CYS A 15 3.91 -3.58 -1.12
C CYS A 15 2.91 -3.52 0.07
N LEU A 16 3.42 -3.06 1.22
CA LEU A 16 2.66 -2.89 2.48
C LEU A 16 1.84 -1.56 2.44
N CYS A 17 0.50 -1.68 2.45
CA CYS A 17 -0.41 -0.51 2.46
C CYS A 17 -0.80 -0.22 3.93
N ASN A 18 -0.03 0.69 4.57
CA ASN A 18 0.02 0.88 6.05
C ASN A 18 0.78 -0.32 6.71
N LYS A 19 0.07 -1.43 6.98
CA LYS A 19 0.69 -2.75 7.26
C LYS A 19 -0.15 -3.93 6.66
N ASP A 20 -0.52 -3.83 5.36
CA ASP A 20 -1.46 -4.79 4.70
C ASP A 20 -0.89 -5.14 3.31
N GLU A 21 -0.58 -6.43 3.07
CA GLU A 21 -0.03 -6.91 1.77
C GLU A 21 -1.02 -6.71 0.58
N CYS A 22 -0.60 -5.88 -0.40
CA CYS A 22 -1.53 -5.26 -1.38
C CYS A 22 -0.91 -5.28 -2.80
N PRO A 23 -1.55 -5.85 -3.87
CA PRO A 23 -1.01 -5.83 -5.26
C PRO A 23 -0.71 -4.42 -5.89
N PRO A 24 0.16 -4.28 -6.94
CA PRO A 24 0.50 -2.95 -7.52
C PRO A 24 -0.68 -2.21 -8.19
N GLY A 25 -0.87 -0.93 -7.81
CA GLY A 25 -2.06 -0.14 -8.21
C GLY A 25 -3.09 0.09 -7.08
N GLN A 26 -3.57 -1.00 -6.46
CA GLN A 26 -4.67 -0.98 -5.45
C GLN A 26 -4.39 -0.26 -4.10
N CYS A 27 -3.14 0.05 -3.70
CA CYS A 27 -2.86 0.79 -2.44
C CYS A 27 -3.19 2.30 -2.57
N ARG A 28 -4.20 2.74 -1.81
CA ARG A 28 -4.76 4.12 -1.85
C ARG A 28 -4.36 4.90 -0.57
N PHE A 29 -4.18 6.23 -0.71
CA PHE A 29 -3.61 7.09 0.35
C PHE A 29 -4.63 8.24 0.66
N PRO A 30 -5.56 8.14 1.67
CA PRO A 30 -6.50 9.23 2.01
C PRO A 30 -5.86 10.34 2.91
N ARG A 31 -6.38 11.56 2.77
CA ARG A 31 -5.77 12.79 3.35
C ARG A 31 -6.10 12.98 4.88
N GLY A 32 -5.49 14.01 5.49
CA GLY A 32 -5.82 14.44 6.87
C GLY A 32 -5.21 13.55 7.95
N ASP A 33 -6.09 12.84 8.68
CA ASP A 33 -5.68 11.73 9.59
C ASP A 33 -6.51 10.47 9.20
N ALA A 34 -6.15 9.86 8.05
CA ALA A 34 -6.74 8.59 7.57
C ALA A 34 -5.60 7.71 7.00
N ASP A 35 -5.58 6.45 7.42
CA ASP A 35 -4.46 5.51 7.14
C ASP A 35 -4.55 4.85 5.71
N PRO A 36 -3.42 4.53 5.00
CA PRO A 36 -3.47 3.86 3.67
C PRO A 36 -4.16 2.47 3.64
N TYR A 37 -5.17 2.34 2.77
CA TYR A 37 -6.01 1.11 2.66
C TYR A 37 -5.77 0.39 1.31
N CYS A 38 -5.81 -0.96 1.34
CA CYS A 38 -5.80 -1.79 0.12
C CYS A 38 -7.24 -1.92 -0.45
N GLU A 39 -7.45 -1.40 -1.67
CA GLU A 39 -8.78 -1.32 -2.32
C GLU A 39 -9.13 -2.67 -2.96
N ALA A 1 5.56 -16.23 4.88
CA ALA A 1 5.14 -14.81 4.81
C ALA A 1 5.94 -14.05 3.70
N PRO A 2 5.32 -13.20 2.82
CA PRO A 2 6.04 -12.55 1.69
C PRO A 2 6.87 -11.30 2.11
N ARG A 3 8.09 -11.17 1.54
CA ARG A 3 8.99 -10.02 1.79
C ARG A 3 8.66 -8.89 0.77
N LEU A 4 7.90 -7.89 1.24
CA LEU A 4 7.30 -6.85 0.37
C LEU A 4 7.84 -5.44 0.72
N PRO A 5 8.26 -4.55 -0.23
CA PRO A 5 8.48 -3.09 0.01
C PRO A 5 7.26 -2.32 0.61
N GLN A 6 7.47 -1.09 1.11
CA GLN A 6 6.39 -0.21 1.58
C GLN A 6 5.89 0.70 0.43
N CYS A 7 4.56 0.77 0.28
CA CYS A 7 3.90 1.64 -0.72
C CYS A 7 3.96 3.15 -0.31
N GLN A 8 4.13 4.00 -1.32
CA GLN A 8 4.12 5.49 -1.18
C GLN A 8 2.85 6.10 -1.84
N GLY A 9 2.51 5.77 -3.10
CA GLY A 9 1.32 6.31 -3.78
C GLY A 9 1.16 5.70 -5.17
N ASP A 10 0.41 4.58 -5.27
CA ASP A 10 0.15 3.82 -6.53
C ASP A 10 1.46 3.27 -7.18
N ASP A 11 1.90 2.10 -6.71
CA ASP A 11 3.28 1.59 -6.93
C ASP A 11 3.38 0.58 -8.11
N GLN A 12 4.64 0.34 -8.54
CA GLN A 12 4.98 -0.70 -9.57
C GLN A 12 5.01 -2.17 -9.02
N GLU A 13 5.51 -2.41 -7.78
CA GLU A 13 5.59 -3.78 -7.18
C GLU A 13 4.47 -4.00 -6.11
N LYS A 14 4.27 -5.28 -5.75
CA LYS A 14 3.39 -5.70 -4.62
C LYS A 14 4.03 -5.29 -3.26
N CYS A 15 3.23 -4.66 -2.39
CA CYS A 15 3.76 -3.84 -1.27
C CYS A 15 2.86 -3.92 0.00
N LEU A 16 3.39 -3.39 1.11
CA LEU A 16 2.64 -3.13 2.36
C LEU A 16 1.80 -1.82 2.20
N CYS A 17 0.48 -1.92 2.45
CA CYS A 17 -0.45 -0.77 2.42
C CYS A 17 -0.84 -0.47 3.89
N ASN A 18 -0.17 0.55 4.48
CA ASN A 18 -0.11 0.79 5.95
C ASN A 18 0.84 -0.30 6.56
N LYS A 19 0.28 -1.46 6.93
CA LYS A 19 1.02 -2.70 7.26
C LYS A 19 0.25 -3.99 6.77
N ASP A 20 -0.24 -4.01 5.52
CA ASP A 20 -1.15 -5.08 5.01
C ASP A 20 -0.84 -5.35 3.52
N GLU A 21 -0.48 -6.60 3.16
CA GLU A 21 -0.09 -6.98 1.78
C GLU A 21 -1.19 -6.71 0.70
N CYS A 22 -0.76 -6.07 -0.41
CA CYS A 22 -1.68 -5.40 -1.37
C CYS A 22 -1.08 -5.37 -2.81
N PRO A 23 -1.83 -5.59 -3.93
CA PRO A 23 -1.28 -5.51 -5.31
C PRO A 23 -0.73 -4.10 -5.76
N PRO A 24 0.10 -3.97 -6.84
CA PRO A 24 0.55 -2.65 -7.36
C PRO A 24 -0.60 -1.79 -7.98
N GLY A 25 -0.72 -0.53 -7.53
CA GLY A 25 -1.89 0.32 -7.85
C GLY A 25 -3.07 0.28 -6.85
N GLN A 26 -3.49 -0.94 -6.43
CA GLN A 26 -4.57 -1.17 -5.43
C GLN A 26 -4.38 -0.53 -4.01
N CYS A 27 -3.17 -0.15 -3.57
CA CYS A 27 -2.96 0.59 -2.31
C CYS A 27 -3.39 2.09 -2.43
N ARG A 28 -4.43 2.45 -1.67
CA ARG A 28 -5.09 3.78 -1.76
C ARG A 28 -4.73 4.63 -0.50
N PHE A 29 -4.49 5.94 -0.72
CA PHE A 29 -3.95 6.85 0.34
C PHE A 29 -4.95 8.01 0.57
N PRO A 30 -5.89 7.97 1.56
CA PRO A 30 -6.83 9.09 1.84
C PRO A 30 -6.16 10.25 2.65
N ARG A 31 -6.65 11.48 2.42
CA ARG A 31 -6.00 12.73 2.88
C ARG A 31 -6.10 13.02 4.42
N GLY A 32 -5.25 13.95 4.89
CA GLY A 32 -5.30 14.46 6.28
C GLY A 32 -4.70 13.51 7.32
N ASP A 33 -5.51 13.15 8.31
CA ASP A 33 -5.19 12.05 9.27
C ASP A 33 -6.11 10.84 8.98
N ALA A 34 -5.94 10.22 7.79
CA ALA A 34 -6.64 8.98 7.39
C ALA A 34 -5.59 7.97 6.86
N ASP A 35 -5.62 6.77 7.45
CA ASP A 35 -4.59 5.71 7.20
C ASP A 35 -4.74 5.01 5.82
N PRO A 36 -3.66 4.44 5.18
CA PRO A 36 -3.76 3.72 3.88
C PRO A 36 -4.59 2.40 3.96
N TYR A 37 -5.40 2.14 2.92
CA TYR A 37 -6.26 0.93 2.84
C TYR A 37 -6.02 0.23 1.47
N CYS A 38 -5.97 -1.12 1.51
CA CYS A 38 -5.90 -1.94 0.27
C CYS A 38 -7.33 -2.14 -0.33
N GLU A 39 -7.48 -1.78 -1.60
CA GLU A 39 -8.76 -1.95 -2.34
C GLU A 39 -8.91 -3.42 -2.83
N ALA A 1 14.69 -13.53 5.19
CA ALA A 1 13.25 -13.55 5.56
C ALA A 1 12.42 -12.78 4.49
N PRO A 2 11.40 -13.35 3.79
CA PRO A 2 10.56 -12.64 2.79
C PRO A 2 9.75 -11.44 3.36
N ARG A 3 9.95 -10.25 2.75
CA ARG A 3 9.33 -8.99 3.21
C ARG A 3 9.01 -8.12 1.96
N LEU A 4 7.74 -7.67 1.90
CA LEU A 4 7.27 -6.68 0.88
C LEU A 4 7.77 -5.24 1.23
N PRO A 5 8.32 -4.42 0.28
CA PRO A 5 8.58 -2.96 0.50
C PRO A 5 7.36 -2.12 0.99
N GLN A 6 7.58 -0.89 1.47
CA GLN A 6 6.49 0.02 1.90
C GLN A 6 5.96 0.82 0.68
N CYS A 7 4.62 0.94 0.58
CA CYS A 7 3.93 1.53 -0.58
C CYS A 7 4.17 3.06 -0.78
N GLN A 8 3.97 3.51 -2.03
CA GLN A 8 3.98 4.95 -2.41
C GLN A 8 2.55 5.56 -2.65
N GLY A 9 1.64 4.83 -3.32
CA GLY A 9 0.34 5.36 -3.80
C GLY A 9 0.24 5.10 -5.31
N ASP A 10 -0.39 3.96 -5.69
CA ASP A 10 -0.37 3.39 -7.07
C ASP A 10 1.08 2.93 -7.42
N ASP A 11 1.40 1.67 -7.07
CA ASP A 11 2.79 1.15 -7.04
C ASP A 11 3.18 0.41 -8.35
N GLN A 12 4.51 0.24 -8.53
CA GLN A 12 5.10 -0.64 -9.56
C GLN A 12 5.03 -2.17 -9.19
N GLU A 13 5.41 -2.57 -7.95
CA GLU A 13 5.32 -3.98 -7.47
C GLU A 13 4.50 -4.07 -6.14
N LYS A 14 4.28 -5.30 -5.64
CA LYS A 14 3.47 -5.59 -4.42
C LYS A 14 4.19 -5.05 -3.13
N CYS A 15 3.40 -4.39 -2.27
CA CYS A 15 3.95 -3.58 -1.14
C CYS A 15 2.96 -3.55 0.08
N LEU A 16 3.46 -3.05 1.22
CA LEU A 16 2.68 -2.86 2.47
C LEU A 16 1.89 -1.53 2.42
N CYS A 17 0.55 -1.63 2.40
CA CYS A 17 -0.35 -0.45 2.44
C CYS A 17 -0.73 -0.18 3.92
N ASN A 18 0.00 0.76 4.56
CA ASN A 18 0.00 0.96 6.05
C ASN A 18 0.74 -0.22 6.75
N LYS A 19 0.01 -1.33 6.97
CA LYS A 19 0.58 -2.64 7.37
C LYS A 19 -0.32 -3.79 6.82
N ASP A 20 -0.54 -3.83 5.48
CA ASP A 20 -1.48 -4.76 4.82
C ASP A 20 -0.91 -5.10 3.42
N GLU A 21 -0.64 -6.39 3.15
CA GLU A 21 -0.10 -6.85 1.83
C GLU A 21 -1.10 -6.59 0.65
N CYS A 22 -0.66 -5.79 -0.33
CA CYS A 22 -1.56 -5.15 -1.32
C CYS A 22 -0.98 -5.20 -2.76
N PRO A 23 -1.72 -5.59 -3.84
CA PRO A 23 -1.19 -5.60 -5.24
C PRO A 23 -0.80 -4.21 -5.83
N PRO A 24 0.08 -4.09 -6.87
CA PRO A 24 0.49 -2.78 -7.44
C PRO A 24 -0.67 -2.04 -8.18
N GLY A 25 -0.93 -0.80 -7.75
CA GLY A 25 -2.16 -0.06 -8.12
C GLY A 25 -3.16 0.11 -6.96
N GLN A 26 -3.62 -1.02 -6.39
CA GLN A 26 -4.62 -1.06 -5.28
C GLN A 26 -4.27 -0.32 -3.94
N CYS A 27 -3.00 -0.01 -3.61
CA CYS A 27 -2.67 0.78 -2.41
C CYS A 27 -2.98 2.29 -2.61
N ARG A 28 -3.95 2.78 -1.83
CA ARG A 28 -4.48 4.16 -1.92
C ARG A 28 -4.17 4.94 -0.62
N PHE A 29 -3.85 6.25 -0.76
CA PHE A 29 -3.37 7.09 0.37
C PHE A 29 -4.41 8.24 0.61
N PRO A 30 -5.44 8.09 1.51
CA PRO A 30 -6.34 9.20 1.90
C PRO A 30 -5.67 10.22 2.88
N ARG A 31 -6.15 11.48 2.81
CA ARG A 31 -5.47 12.64 3.44
C ARG A 31 -5.88 12.85 4.92
N GLY A 32 -5.12 13.72 5.63
CA GLY A 32 -5.45 14.16 7.00
C GLY A 32 -5.09 13.13 8.08
N ASP A 33 -6.11 12.70 8.84
CA ASP A 33 -5.99 11.54 9.76
C ASP A 33 -6.77 10.32 9.18
N ALA A 34 -6.30 9.81 8.01
CA ALA A 34 -6.83 8.57 7.38
C ALA A 34 -5.63 7.75 6.86
N ASP A 35 -5.59 6.46 7.26
CA ASP A 35 -4.44 5.56 7.01
C ASP A 35 -4.51 4.88 5.59
N PRO A 36 -3.37 4.55 4.90
CA PRO A 36 -3.40 3.86 3.57
C PRO A 36 -4.10 2.48 3.54
N TYR A 37 -5.12 2.36 2.67
CA TYR A 37 -5.96 1.15 2.54
C TYR A 37 -5.65 0.38 1.22
N CYS A 38 -5.76 -0.95 1.26
CA CYS A 38 -5.75 -1.79 0.03
C CYS A 38 -7.19 -1.88 -0.56
N GLU A 39 -7.30 -1.70 -1.88
CA GLU A 39 -8.61 -1.48 -2.56
C GLU A 39 -9.16 -2.84 -3.07
N ALA A 1 6.59 -16.31 4.09
CA ALA A 1 6.03 -14.94 3.93
C ALA A 1 6.93 -14.06 3.01
N PRO A 2 6.39 -13.24 2.05
CA PRO A 2 7.22 -12.44 1.11
C PRO A 2 7.85 -11.16 1.76
N ARG A 3 9.06 -10.80 1.29
CA ARG A 3 9.78 -9.58 1.75
C ARG A 3 9.34 -8.38 0.85
N LEU A 4 8.40 -7.57 1.38
CA LEU A 4 7.68 -6.53 0.60
C LEU A 4 8.11 -5.10 1.05
N PRO A 5 8.43 -4.12 0.15
CA PRO A 5 8.54 -2.68 0.50
C PRO A 5 7.29 -2.04 1.19
N GLN A 6 7.41 -0.77 1.61
CA GLN A 6 6.25 0.05 2.02
C GLN A 6 5.73 0.86 0.79
N CYS A 7 4.39 0.96 0.70
CA CYS A 7 3.70 1.54 -0.49
C CYS A 7 3.92 3.07 -0.69
N GLN A 8 3.74 3.51 -1.95
CA GLN A 8 3.79 4.95 -2.35
C GLN A 8 2.39 5.56 -2.69
N GLY A 9 1.53 4.84 -3.44
CA GLY A 9 0.26 5.37 -3.96
C GLY A 9 0.21 5.11 -5.48
N ASP A 10 -0.46 4.01 -5.86
CA ASP A 10 -0.41 3.40 -7.22
C ASP A 10 1.05 2.91 -7.53
N ASP A 11 1.36 1.67 -7.11
CA ASP A 11 2.75 1.17 -7.03
C ASP A 11 3.21 0.43 -8.32
N GLN A 12 4.55 0.28 -8.42
CA GLN A 12 5.19 -0.60 -9.44
C GLN A 12 5.17 -2.12 -9.04
N GLU A 13 5.52 -2.47 -7.77
CA GLU A 13 5.50 -3.88 -7.28
C GLU A 13 4.65 -3.99 -5.97
N LYS A 14 4.41 -5.24 -5.52
CA LYS A 14 3.59 -5.55 -4.32
C LYS A 14 4.26 -5.01 -3.01
N CYS A 15 3.45 -4.35 -2.17
CA CYS A 15 3.95 -3.55 -1.02
C CYS A 15 2.93 -3.54 0.16
N LEU A 16 3.41 -3.10 1.34
CA LEU A 16 2.60 -2.93 2.57
C LEU A 16 1.73 -1.65 2.48
N CYS A 17 0.40 -1.81 2.49
CA CYS A 17 -0.55 -0.67 2.51
C CYS A 17 -0.96 -0.43 3.99
N ASN A 18 -0.15 0.39 4.68
CA ASN A 18 -0.12 0.54 6.16
C ASN A 18 0.53 -0.73 6.80
N LYS A 19 -0.29 -1.76 7.04
CA LYS A 19 0.14 -3.10 7.52
C LYS A 19 -0.17 -4.27 6.53
N ASP A 20 -1.16 -4.15 5.62
CA ASP A 20 -1.72 -5.28 4.85
C ASP A 20 -1.07 -5.38 3.46
N GLU A 21 -0.58 -6.58 3.09
CA GLU A 21 0.08 -6.84 1.78
C GLU A 21 -0.91 -6.69 0.57
N CYS A 22 -0.52 -5.82 -0.37
CA CYS A 22 -1.45 -5.24 -1.37
C CYS A 22 -0.75 -5.16 -2.77
N PRO A 23 -1.21 -5.84 -3.85
CA PRO A 23 -0.57 -5.76 -5.19
C PRO A 23 -0.53 -4.36 -5.88
N PRO A 24 0.31 -4.12 -6.94
CA PRO A 24 0.49 -2.77 -7.55
C PRO A 24 -0.78 -2.11 -8.16
N GLY A 25 -0.94 -0.81 -7.87
CA GLY A 25 -2.19 -0.08 -8.21
C GLY A 25 -3.17 0.12 -7.03
N GLN A 26 -3.57 -0.99 -6.38
CA GLN A 26 -4.61 -1.02 -5.31
C GLN A 26 -4.37 -0.14 -4.04
N CYS A 27 -3.12 0.15 -3.60
CA CYS A 27 -2.87 0.90 -2.35
C CYS A 27 -3.22 2.42 -2.50
N ARG A 28 -4.29 2.83 -1.80
CA ARG A 28 -4.83 4.21 -1.84
C ARG A 28 -4.35 5.00 -0.60
N PHE A 29 -4.14 6.33 -0.75
CA PHE A 29 -3.57 7.19 0.31
C PHE A 29 -4.59 8.35 0.60
N PRO A 30 -5.56 8.24 1.56
CA PRO A 30 -6.49 9.34 1.92
C PRO A 30 -5.82 10.44 2.82
N ARG A 31 -6.35 11.66 2.72
CA ARG A 31 -5.72 12.89 3.29
C ARG A 31 -5.96 13.03 4.84
N GLY A 32 -5.22 13.97 5.46
CA GLY A 32 -5.40 14.33 6.88
C GLY A 32 -4.75 13.35 7.86
N ASP A 33 -5.56 12.84 8.80
CA ASP A 33 -5.18 11.69 9.65
C ASP A 33 -6.04 10.45 9.23
N ALA A 34 -5.83 9.96 8.00
CA ALA A 34 -6.46 8.74 7.47
C ALA A 34 -5.35 7.84 6.85
N ASP A 35 -5.34 6.58 7.29
CA ASP A 35 -4.24 5.62 6.99
C ASP A 35 -4.42 4.93 5.58
N PRO A 36 -3.34 4.49 4.87
CA PRO A 36 -3.46 3.91 3.50
C PRO A 36 -4.07 2.48 3.47
N TYR A 37 -5.13 2.33 2.66
CA TYR A 37 -5.96 1.09 2.60
C TYR A 37 -5.78 0.36 1.24
N CYS A 38 -5.83 -0.98 1.27
CA CYS A 38 -5.83 -1.81 0.03
C CYS A 38 -7.25 -1.89 -0.59
N GLU A 39 -7.35 -1.64 -1.90
CA GLU A 39 -8.65 -1.53 -2.61
C GLU A 39 -9.17 -2.94 -2.99
N ALA A 1 6.41 -16.62 3.98
CA ALA A 1 6.09 -15.26 4.44
C ALA A 1 6.53 -14.23 3.37
N PRO A 2 5.63 -13.45 2.69
CA PRO A 2 6.01 -12.45 1.67
C PRO A 2 6.93 -11.30 2.17
N ARG A 3 8.09 -11.12 1.51
CA ARG A 3 9.09 -10.08 1.86
C ARG A 3 8.85 -8.84 0.95
N LEU A 4 8.08 -7.87 1.47
CA LEU A 4 7.46 -6.80 0.65
C LEU A 4 8.01 -5.39 1.04
N PRO A 5 8.38 -4.47 0.12
CA PRO A 5 8.59 -3.02 0.41
C PRO A 5 7.38 -2.29 1.07
N GLN A 6 7.58 -1.03 1.48
CA GLN A 6 6.48 -0.13 1.91
C GLN A 6 5.97 0.68 0.68
N CYS A 7 4.64 0.79 0.54
CA CYS A 7 3.98 1.43 -0.62
C CYS A 7 4.25 2.97 -0.74
N GLN A 8 4.12 3.46 -2.00
CA GLN A 8 4.25 4.91 -2.33
C GLN A 8 2.86 5.53 -2.67
N GLY A 9 2.11 4.96 -3.63
CA GLY A 9 0.78 5.48 -4.06
C GLY A 9 0.58 5.16 -5.55
N ASP A 10 -0.21 4.10 -5.81
CA ASP A 10 -0.33 3.46 -7.16
C ASP A 10 1.05 2.87 -7.60
N ASP A 11 1.35 1.65 -7.13
CA ASP A 11 2.73 1.10 -7.14
C ASP A 11 3.05 0.26 -8.40
N GLN A 12 4.36 0.10 -8.66
CA GLN A 12 4.91 -0.87 -9.65
C GLN A 12 4.96 -2.35 -9.13
N GLU A 13 5.38 -2.59 -7.86
CA GLU A 13 5.45 -3.94 -7.26
C GLU A 13 4.43 -4.10 -6.09
N LYS A 14 4.28 -5.35 -5.59
CA LYS A 14 3.45 -5.67 -4.39
C LYS A 14 4.15 -5.15 -3.10
N CYS A 15 3.39 -4.43 -2.26
CA CYS A 15 3.95 -3.64 -1.13
C CYS A 15 2.93 -3.54 0.06
N LEU A 16 3.45 -3.08 1.20
CA LEU A 16 2.65 -2.88 2.45
C LEU A 16 1.86 -1.54 2.39
N CYS A 17 0.53 -1.63 2.40
CA CYS A 17 -0.36 -0.44 2.40
C CYS A 17 -0.76 -0.13 3.86
N ASN A 18 0.08 0.69 4.54
CA ASN A 18 0.10 0.85 6.03
C ASN A 18 0.74 -0.42 6.68
N LYS A 19 -0.07 -1.47 6.87
CA LYS A 19 0.37 -2.82 7.32
C LYS A 19 -0.12 -4.01 6.43
N ASP A 20 -1.04 -3.82 5.46
CA ASP A 20 -1.69 -4.92 4.71
C ASP A 20 -0.95 -5.19 3.37
N GLU A 21 -0.63 -6.47 3.08
CA GLU A 21 -0.03 -6.88 1.78
C GLU A 21 -1.00 -6.65 0.58
N CYS A 22 -0.56 -5.82 -0.38
CA CYS A 22 -1.48 -5.18 -1.36
C CYS A 22 -0.90 -5.28 -2.80
N PRO A 23 -1.62 -5.79 -3.84
CA PRO A 23 -1.14 -5.79 -5.25
C PRO A 23 -0.77 -4.39 -5.87
N PRO A 24 0.07 -4.28 -6.94
CA PRO A 24 0.47 -2.97 -7.54
C PRO A 24 -0.70 -2.17 -8.17
N GLY A 25 -0.82 -0.89 -7.80
CA GLY A 25 -1.97 -0.04 -8.18
C GLY A 25 -3.03 0.19 -7.09
N GLN A 26 -3.49 -0.90 -6.43
CA GLN A 26 -4.59 -0.86 -5.41
C GLN A 26 -4.30 -0.13 -4.06
N CYS A 27 -3.05 0.20 -3.69
CA CYS A 27 -2.74 0.95 -2.45
C CYS A 27 -3.04 2.47 -2.60
N ARG A 28 -4.02 2.94 -1.80
CA ARG A 28 -4.54 4.32 -1.86
C ARG A 28 -4.22 5.07 -0.55
N PHE A 29 -3.88 6.37 -0.66
CA PHE A 29 -3.34 7.18 0.45
C PHE A 29 -4.32 8.37 0.73
N PRO A 30 -5.33 8.29 1.65
CA PRO A 30 -6.24 9.42 1.96
C PRO A 30 -5.64 10.43 2.98
N ARG A 31 -6.10 11.69 2.86
CA ARG A 31 -5.53 12.84 3.59
C ARG A 31 -6.13 13.02 5.02
N GLY A 32 -5.75 14.13 5.69
CA GLY A 32 -6.29 14.48 7.02
C GLY A 32 -5.72 13.61 8.16
N ASP A 33 -6.61 12.81 8.77
CA ASP A 33 -6.22 11.73 9.72
C ASP A 33 -6.89 10.41 9.24
N ALA A 34 -6.37 9.84 8.14
CA ALA A 34 -6.86 8.56 7.57
C ALA A 34 -5.65 7.76 7.02
N ASP A 35 -5.55 6.50 7.45
CA ASP A 35 -4.39 5.62 7.15
C ASP A 35 -4.47 4.98 5.72
N PRO A 36 -3.33 4.66 5.02
CA PRO A 36 -3.35 3.99 3.68
C PRO A 36 -4.06 2.61 3.65
N TYR A 37 -5.03 2.46 2.73
CA TYR A 37 -5.89 1.24 2.63
C TYR A 37 -5.64 0.51 1.29
N CYS A 38 -5.67 -0.83 1.34
CA CYS A 38 -5.68 -1.68 0.13
C CYS A 38 -7.14 -1.90 -0.36
N GLU A 39 -7.37 -1.71 -1.68
CA GLU A 39 -8.71 -1.89 -2.31
C GLU A 39 -9.03 -3.39 -2.49
N ALA A 1 10.38 -16.40 3.53
CA ALA A 1 9.22 -15.54 3.23
C ALA A 1 9.69 -14.14 2.73
N PRO A 2 9.47 -13.71 1.45
CA PRO A 2 9.90 -12.36 0.95
C PRO A 2 9.30 -11.14 1.70
N ARG A 3 10.16 -10.16 2.05
CA ARG A 3 9.75 -8.92 2.75
C ARG A 3 9.32 -7.88 1.68
N LEU A 4 8.02 -7.55 1.69
CA LEU A 4 7.41 -6.56 0.78
C LEU A 4 7.80 -5.09 1.16
N PRO A 5 8.31 -4.20 0.26
CA PRO A 5 8.49 -2.75 0.53
C PRO A 5 7.24 -2.00 1.07
N GLN A 6 7.41 -0.76 1.55
CA GLN A 6 6.28 0.12 1.94
C GLN A 6 5.76 0.88 0.69
N CYS A 7 4.42 0.93 0.58
CA CYS A 7 3.72 1.56 -0.57
C CYS A 7 3.92 3.11 -0.63
N GLN A 8 3.87 3.65 -1.87
CA GLN A 8 4.04 5.11 -2.13
C GLN A 8 2.71 5.74 -2.66
N GLY A 9 2.13 5.24 -3.77
CA GLY A 9 0.88 5.77 -4.34
C GLY A 9 0.72 5.27 -5.77
N ASP A 10 0.01 4.13 -5.94
CA ASP A 10 -0.07 3.35 -7.22
C ASP A 10 1.35 2.82 -7.62
N ASP A 11 1.68 1.63 -7.13
CA ASP A 11 3.08 1.11 -7.13
C ASP A 11 3.41 0.25 -8.38
N GLN A 12 4.71 0.04 -8.61
CA GLN A 12 5.22 -0.93 -9.62
C GLN A 12 5.14 -2.42 -9.12
N GLU A 13 5.61 -2.72 -7.89
CA GLU A 13 5.52 -4.08 -7.28
C GLU A 13 4.48 -4.13 -6.10
N LYS A 14 4.30 -5.35 -5.56
CA LYS A 14 3.47 -5.61 -4.37
C LYS A 14 4.16 -5.05 -3.08
N CYS A 15 3.37 -4.34 -2.24
CA CYS A 15 3.90 -3.53 -1.12
C CYS A 15 2.88 -3.48 0.07
N LEU A 16 3.36 -2.99 1.22
CA LEU A 16 2.56 -2.83 2.47
C LEU A 16 1.69 -1.55 2.40
N CYS A 17 0.36 -1.71 2.47
CA CYS A 17 -0.60 -0.59 2.50
C CYS A 17 -1.07 -0.42 3.97
N ASN A 18 -0.53 0.61 4.66
CA ASN A 18 -0.55 0.73 6.15
C ASN A 18 0.47 -0.30 6.73
N LYS A 19 -0.02 -1.50 7.05
CA LYS A 19 0.81 -2.71 7.33
C LYS A 19 0.10 -4.00 6.80
N ASP A 20 -0.34 -4.00 5.52
CA ASP A 20 -1.23 -5.05 4.96
C ASP A 20 -0.79 -5.29 3.49
N GLU A 21 -0.43 -6.54 3.15
CA GLU A 21 0.06 -6.93 1.79
C GLU A 21 -0.99 -6.67 0.67
N CYS A 22 -0.58 -5.90 -0.36
CA CYS A 22 -1.51 -5.27 -1.33
C CYS A 22 -0.91 -5.25 -2.76
N PRO A 23 -1.57 -5.78 -3.83
CA PRO A 23 -1.05 -5.72 -5.23
C PRO A 23 -0.71 -4.31 -5.82
N PRO A 24 0.14 -4.15 -6.88
CA PRO A 24 0.51 -2.83 -7.45
C PRO A 24 -0.68 -2.05 -8.09
N GLY A 25 -0.82 -0.77 -7.72
CA GLY A 25 -2.00 0.05 -8.12
C GLY A 25 -3.09 0.20 -7.04
N GLN A 26 -3.57 -0.93 -6.49
CA GLN A 26 -4.69 -0.97 -5.49
C GLN A 26 -4.47 -0.23 -4.13
N CYS A 27 -3.23 0.08 -3.68
CA CYS A 27 -2.98 0.83 -2.42
C CYS A 27 -3.34 2.34 -2.56
N ARG A 28 -4.39 2.75 -1.83
CA ARG A 28 -4.94 4.13 -1.87
C ARG A 28 -4.50 4.92 -0.61
N PHE A 29 -4.38 6.25 -0.75
CA PHE A 29 -3.76 7.13 0.28
C PHE A 29 -4.76 8.27 0.65
N PRO A 30 -5.69 8.12 1.66
CA PRO A 30 -6.59 9.22 2.10
C PRO A 30 -5.89 10.30 2.97
N ARG A 31 -6.40 11.53 2.88
CA ARG A 31 -5.75 12.74 3.47
C ARG A 31 -6.01 12.92 5.01
N GLY A 32 -5.39 13.98 5.58
CA GLY A 32 -5.65 14.40 6.97
C GLY A 32 -4.95 13.53 8.02
N ASP A 33 -5.75 12.75 8.77
CA ASP A 33 -5.23 11.65 9.62
C ASP A 33 -6.05 10.37 9.28
N ALA A 34 -5.76 9.78 8.10
CA ALA A 34 -6.39 8.53 7.63
C ALA A 34 -5.30 7.65 6.97
N ASP A 35 -5.26 6.38 7.39
CA ASP A 35 -4.16 5.43 7.02
C ASP A 35 -4.38 4.77 5.62
N PRO A 36 -3.32 4.31 4.87
CA PRO A 36 -3.47 3.73 3.52
C PRO A 36 -4.25 2.37 3.47
N TYR A 37 -5.35 2.34 2.71
CA TYR A 37 -6.23 1.14 2.59
C TYR A 37 -5.97 0.40 1.24
N CYS A 38 -5.97 -0.94 1.28
CA CYS A 38 -5.91 -1.78 0.07
C CYS A 38 -7.32 -1.97 -0.54
N GLU A 39 -7.52 -1.43 -1.76
CA GLU A 39 -8.83 -1.43 -2.44
C GLU A 39 -8.98 -2.75 -3.25
N ALA A 1 5.67 -16.37 4.42
CA ALA A 1 5.58 -14.94 4.77
C ALA A 1 6.23 -14.10 3.63
N PRO A 2 5.51 -13.28 2.81
CA PRO A 2 6.12 -12.52 1.68
C PRO A 2 6.89 -11.25 2.17
N ARG A 3 8.13 -11.08 1.67
CA ARG A 3 9.03 -9.98 2.09
C ARG A 3 8.84 -8.77 1.13
N LEU A 4 7.98 -7.82 1.55
CA LEU A 4 7.43 -6.77 0.66
C LEU A 4 7.95 -5.36 1.06
N PRO A 5 8.38 -4.46 0.12
CA PRO A 5 8.58 -3.00 0.41
C PRO A 5 7.36 -2.25 1.00
N GLN A 6 7.56 -0.99 1.42
CA GLN A 6 6.44 -0.10 1.85
C GLN A 6 5.89 0.68 0.63
N CYS A 7 4.55 0.80 0.60
CA CYS A 7 3.80 1.42 -0.53
C CYS A 7 4.03 2.96 -0.67
N GLN A 8 3.80 3.47 -1.90
CA GLN A 8 3.88 4.92 -2.22
C GLN A 8 2.51 5.60 -2.50
N GLY A 9 1.61 4.94 -3.28
CA GLY A 9 0.36 5.57 -3.78
C GLY A 9 0.25 5.27 -5.29
N ASP A 10 -0.43 4.16 -5.63
CA ASP A 10 -0.43 3.55 -7.00
C ASP A 10 0.99 3.04 -7.35
N ASP A 11 1.26 1.76 -7.02
CA ASP A 11 2.64 1.21 -6.98
C ASP A 11 3.03 0.45 -8.28
N GLN A 12 4.36 0.36 -8.49
CA GLN A 12 4.97 -0.57 -9.48
C GLN A 12 5.06 -2.05 -8.96
N GLU A 13 5.44 -2.30 -7.70
CA GLU A 13 5.59 -3.66 -7.12
C GLU A 13 4.55 -3.91 -5.98
N LYS A 14 4.44 -5.19 -5.55
CA LYS A 14 3.57 -5.61 -4.41
C LYS A 14 4.21 -5.15 -3.07
N CYS A 15 3.41 -4.47 -2.22
CA CYS A 15 3.94 -3.66 -1.10
C CYS A 15 2.94 -3.63 0.11
N LEU A 16 3.44 -3.11 1.25
CA LEU A 16 2.66 -2.95 2.51
C LEU A 16 1.80 -1.65 2.43
N CYS A 17 0.47 -1.80 2.45
CA CYS A 17 -0.48 -0.66 2.44
C CYS A 17 -0.91 -0.41 3.92
N ASN A 18 -0.26 0.60 4.54
CA ASN A 18 -0.21 0.79 6.02
C ASN A 18 0.76 -0.29 6.62
N LYS A 19 0.20 -1.47 6.97
CA LYS A 19 0.97 -2.69 7.30
C LYS A 19 0.25 -3.98 6.78
N ASP A 20 -0.24 -3.98 5.52
CA ASP A 20 -1.15 -5.01 4.99
C ASP A 20 -0.76 -5.30 3.51
N GLU A 21 -0.40 -6.56 3.19
CA GLU A 21 0.04 -6.97 1.84
C GLU A 21 -1.01 -6.72 0.72
N CYS A 22 -0.58 -6.00 -0.34
CA CYS A 22 -1.51 -5.38 -1.32
C CYS A 22 -0.89 -5.39 -2.75
N PRO A 23 -1.55 -5.91 -3.83
CA PRO A 23 -1.00 -5.86 -5.22
C PRO A 23 -0.67 -4.44 -5.82
N PRO A 24 0.19 -4.29 -6.87
CA PRO A 24 0.54 -2.97 -7.45
C PRO A 24 -0.64 -2.22 -8.13
N GLY A 25 -0.79 -0.92 -7.82
CA GLY A 25 -1.95 -0.12 -8.25
C GLY A 25 -3.00 0.15 -7.16
N GLN A 26 -3.49 -0.91 -6.49
CA GLN A 26 -4.62 -0.84 -5.52
C GLN A 26 -4.36 -0.11 -4.16
N CYS A 27 -3.09 0.15 -3.73
CA CYS A 27 -2.82 0.86 -2.45
C CYS A 27 -3.10 2.40 -2.58
N ARG A 28 -4.10 2.86 -1.83
CA ARG A 28 -4.60 4.26 -1.88
C ARG A 28 -4.28 4.98 -0.54
N PHE A 29 -3.89 6.27 -0.63
CA PHE A 29 -3.42 7.06 0.54
C PHE A 29 -4.42 8.24 0.77
N PRO A 30 -5.45 8.15 1.67
CA PRO A 30 -6.38 9.27 1.95
C PRO A 30 -5.78 10.37 2.87
N ARG A 31 -6.26 11.62 2.69
CA ARG A 31 -5.67 12.84 3.31
C ARG A 31 -5.97 13.03 4.83
N GLY A 32 -5.32 14.04 5.43
CA GLY A 32 -5.62 14.49 6.82
C GLY A 32 -5.02 13.59 7.90
N ASP A 33 -5.90 12.87 8.62
CA ASP A 33 -5.49 11.75 9.49
C ASP A 33 -6.35 10.51 9.11
N ALA A 34 -6.04 9.91 7.94
CA ALA A 34 -6.71 8.68 7.44
C ALA A 34 -5.63 7.72 6.88
N ASP A 35 -5.71 6.45 7.30
CA ASP A 35 -4.65 5.44 7.06
C ASP A 35 -4.69 4.82 5.62
N PRO A 36 -3.55 4.34 5.02
CA PRO A 36 -3.54 3.76 3.65
C PRO A 36 -4.29 2.40 3.52
N TYR A 37 -5.32 2.38 2.65
CA TYR A 37 -6.20 1.18 2.47
C TYR A 37 -5.86 0.44 1.15
N CYS A 38 -5.88 -0.91 1.20
CA CYS A 38 -5.83 -1.75 -0.02
C CYS A 38 -7.25 -1.88 -0.64
N GLU A 39 -7.40 -1.42 -1.89
CA GLU A 39 -8.72 -1.24 -2.54
C GLU A 39 -9.24 -2.58 -3.10
N ALA A 1 7.32 -16.98 2.80
CA ALA A 1 7.08 -15.69 3.47
C ALA A 1 7.47 -14.53 2.50
N PRO A 2 6.53 -13.72 1.92
CA PRO A 2 6.88 -12.66 0.94
C PRO A 2 7.46 -11.38 1.62
N ARG A 3 8.69 -11.00 1.22
CA ARG A 3 9.39 -9.82 1.78
C ARG A 3 9.06 -8.58 0.91
N LEU A 4 8.07 -7.79 1.37
CA LEU A 4 7.43 -6.73 0.55
C LEU A 4 7.96 -5.31 0.97
N PRO A 5 8.36 -4.39 0.04
CA PRO A 5 8.54 -2.95 0.35
C PRO A 5 7.32 -2.22 0.97
N GLN A 6 7.48 -0.96 1.41
CA GLN A 6 6.36 -0.10 1.85
C GLN A 6 5.81 0.71 0.63
N CYS A 7 4.48 0.81 0.58
CA CYS A 7 3.75 1.49 -0.53
C CYS A 7 3.98 3.04 -0.56
N GLN A 8 3.94 3.59 -1.78
CA GLN A 8 4.15 5.05 -2.04
C GLN A 8 2.84 5.73 -2.54
N GLY A 9 2.24 5.25 -3.65
CA GLY A 9 1.00 5.83 -4.20
C GLY A 9 0.78 5.32 -5.64
N ASP A 10 0.04 4.20 -5.77
CA ASP A 10 -0.13 3.43 -7.05
C ASP A 10 1.25 2.87 -7.52
N ASP A 11 1.60 1.68 -7.02
CA ASP A 11 3.00 1.16 -7.06
C ASP A 11 3.29 0.30 -8.33
N GLN A 12 4.59 0.12 -8.60
CA GLN A 12 5.10 -0.85 -9.61
C GLN A 12 5.09 -2.33 -9.12
N GLU A 13 5.57 -2.60 -7.88
CA GLU A 13 5.58 -3.97 -7.29
C GLU A 13 4.56 -4.09 -6.11
N LYS A 14 4.35 -5.33 -5.63
CA LYS A 14 3.49 -5.63 -4.44
C LYS A 14 4.16 -5.10 -3.14
N CYS A 15 3.37 -4.40 -2.31
CA CYS A 15 3.90 -3.60 -1.17
C CYS A 15 2.89 -3.57 0.03
N LEU A 16 3.39 -3.11 1.18
CA LEU A 16 2.61 -2.95 2.43
C LEU A 16 1.81 -1.63 2.39
N CYS A 17 0.46 -1.74 2.39
CA CYS A 17 -0.46 -0.58 2.45
C CYS A 17 -0.83 -0.36 3.94
N ASN A 18 -0.09 0.56 4.61
CA ASN A 18 -0.06 0.70 6.10
C ASN A 18 0.66 -0.52 6.74
N LYS A 19 -0.11 -1.59 6.98
CA LYS A 19 0.42 -2.93 7.35
C LYS A 19 -0.49 -4.04 6.73
N ASP A 20 -0.65 -4.03 5.39
CA ASP A 20 -1.57 -4.95 4.66
C ASP A 20 -0.91 -5.28 3.30
N GLU A 21 -0.62 -6.57 3.05
CA GLU A 21 -0.03 -7.03 1.75
C GLU A 21 -1.01 -6.82 0.56
N CYS A 22 -0.58 -5.98 -0.41
CA CYS A 22 -1.51 -5.33 -1.36
C CYS A 22 -0.93 -5.32 -2.81
N PRO A 23 -1.64 -5.79 -3.88
CA PRO A 23 -1.12 -5.73 -5.28
C PRO A 23 -0.74 -4.32 -5.84
N PRO A 24 0.13 -4.17 -6.89
CA PRO A 24 0.54 -2.85 -7.44
C PRO A 24 -0.62 -2.03 -8.09
N GLY A 25 -0.74 -0.75 -7.69
CA GLY A 25 -1.89 0.09 -8.07
C GLY A 25 -2.96 0.26 -6.96
N GLN A 26 -3.46 -0.85 -6.40
CA GLN A 26 -4.58 -0.85 -5.40
C GLN A 26 -4.36 -0.15 -4.03
N CYS A 27 -3.12 0.18 -3.60
CA CYS A 27 -2.89 0.92 -2.33
C CYS A 27 -3.29 2.41 -2.45
N ARG A 28 -4.38 2.77 -1.72
CA ARG A 28 -5.01 4.11 -1.76
C ARG A 28 -4.54 4.94 -0.54
N PHE A 29 -4.35 6.26 -0.74
CA PHE A 29 -3.76 7.15 0.30
C PHE A 29 -4.78 8.28 0.64
N PRO A 30 -5.70 8.16 1.65
CA PRO A 30 -6.63 9.25 2.05
C PRO A 30 -5.96 10.34 2.93
N ARG A 31 -6.51 11.57 2.85
CA ARG A 31 -5.89 12.79 3.40
C ARG A 31 -6.25 13.03 4.90
N GLY A 32 -5.78 14.18 5.43
CA GLY A 32 -6.09 14.61 6.82
C GLY A 32 -5.31 13.82 7.89
N ASP A 33 -6.04 12.98 8.63
CA ASP A 33 -5.43 11.93 9.49
C ASP A 33 -6.20 10.59 9.20
N ALA A 34 -5.88 9.97 8.05
CA ALA A 34 -6.48 8.69 7.62
C ALA A 34 -5.36 7.81 6.99
N ASP A 35 -5.32 6.55 7.43
CA ASP A 35 -4.22 5.59 7.10
C ASP A 35 -4.41 4.91 5.69
N PRO A 36 -3.34 4.52 4.94
CA PRO A 36 -3.48 3.95 3.58
C PRO A 36 -4.03 2.49 3.56
N TYR A 37 -5.14 2.32 2.82
CA TYR A 37 -5.92 1.05 2.77
C TYR A 37 -5.73 0.34 1.41
N CYS A 38 -5.71 -1.00 1.43
CA CYS A 38 -5.72 -1.82 0.19
C CYS A 38 -7.17 -1.96 -0.37
N GLU A 39 -7.33 -1.69 -1.67
CA GLU A 39 -8.67 -1.68 -2.33
C GLU A 39 -9.17 -3.12 -2.61
#